data_1UTG
# 
_entry.id   1UTG 
# 
_audit_conform.dict_name       mmcif_pdbx.dic 
_audit_conform.dict_version    5.397 
_audit_conform.dict_location   http://mmcif.pdb.org/dictionaries/ascii/mmcif_pdbx.dic 
# 
loop_
_database_2.database_id 
_database_2.database_code 
_database_2.pdbx_database_accession 
_database_2.pdbx_DOI 
PDB   1UTG         pdb_00001utg 10.2210/pdb1utg/pdb 
WWPDB D_1000176984 ?            ?                   
# 
loop_
_pdbx_audit_revision_history.ordinal 
_pdbx_audit_revision_history.data_content_type 
_pdbx_audit_revision_history.major_revision 
_pdbx_audit_revision_history.minor_revision 
_pdbx_audit_revision_history.revision_date 
1 'Structure model' 1 0 1989-10-15 
2 'Structure model' 1 1 2008-03-03 
3 'Structure model' 1 2 2011-07-13 
4 'Structure model' 1 3 2017-11-29 
5 'Structure model' 1 4 2024-10-16 
# 
_pdbx_audit_revision_details.ordinal             1 
_pdbx_audit_revision_details.revision_ordinal    1 
_pdbx_audit_revision_details.data_content_type   'Structure model' 
_pdbx_audit_revision_details.provider            repository 
_pdbx_audit_revision_details.type                'Initial release' 
_pdbx_audit_revision_details.description         ? 
_pdbx_audit_revision_details.details             ? 
# 
loop_
_pdbx_audit_revision_group.ordinal 
_pdbx_audit_revision_group.revision_ordinal 
_pdbx_audit_revision_group.data_content_type 
_pdbx_audit_revision_group.group 
1 2 'Structure model' 'Version format compliance' 
2 3 'Structure model' 'Derived calculations'      
3 3 'Structure model' 'Version format compliance' 
4 4 'Structure model' 'Derived calculations'      
5 4 'Structure model' Other                       
6 5 'Structure model' 'Data collection'           
7 5 'Structure model' 'Database references'       
8 5 'Structure model' 'Structure summary'         
# 
loop_
_pdbx_audit_revision_category.ordinal 
_pdbx_audit_revision_category.revision_ordinal 
_pdbx_audit_revision_category.data_content_type 
_pdbx_audit_revision_category.category 
1 4 'Structure model' pdbx_database_status      
2 4 'Structure model' struct_conf               
3 4 'Structure model' struct_conf_type          
4 5 'Structure model' chem_comp_atom            
5 5 'Structure model' chem_comp_bond            
6 5 'Structure model' database_2                
7 5 'Structure model' pdbx_entry_details        
8 5 'Structure model' pdbx_modification_feature 
# 
loop_
_pdbx_audit_revision_item.ordinal 
_pdbx_audit_revision_item.revision_ordinal 
_pdbx_audit_revision_item.data_content_type 
_pdbx_audit_revision_item.item 
1 4 'Structure model' '_pdbx_database_status.process_site'           
2 5 'Structure model' '_database_2.pdbx_DOI'                         
3 5 'Structure model' '_database_2.pdbx_database_accession'          
4 5 'Structure model' '_pdbx_entry_details.has_protein_modification' 
# 
_pdbx_database_status.status_code                     REL 
_pdbx_database_status.entry_id                        1UTG 
_pdbx_database_status.recvd_initial_deposition_date   1989-04-03 
_pdbx_database_status.deposit_site                    ? 
_pdbx_database_status.process_site                    BNL 
_pdbx_database_status.SG_entry                        . 
_pdbx_database_status.pdb_format_compatible           Y 
_pdbx_database_status.status_code_mr                  ? 
_pdbx_database_status.status_code_sf                  ? 
_pdbx_database_status.status_code_cs                  ? 
_pdbx_database_status.methods_development_category    ? 
_pdbx_database_status.status_code_nmr_data            ? 
# 
loop_
_audit_author.name 
_audit_author.pdbx_ordinal 
'Morize, I.'   1 
'Surcouf, E.'  2 
'Vaney, M.C.'  3 
'Buehner, M.'  4 
'Mornon, J.P.' 5 
# 
loop_
_citation.id 
_citation.title 
_citation.journal_abbrev 
_citation.journal_volume 
_citation.page_first 
_citation.page_last 
_citation.year 
_citation.journal_id_ASTM 
_citation.country 
_citation.journal_id_ISSN 
_citation.journal_id_CSD 
_citation.book_publisher 
_citation.pdbx_database_id_PubMed 
_citation.pdbx_database_id_DOI 
primary 'Refinement of the C222(1) crystal form of oxidized uteroglobin at 1.34 A resolution.' J.Mol.Biol.  194 725 739 1987 
JMOBAK UK 0022-2836 0070 ? 3656405 '10.1016/0022-2836(87)90250-6' 
1       'Evidence for the Identity of Anti-Proteinase Pulmonary Protein Ccsp and Uteroglobin' 'FEBS Lett.' 232 351 ?   1988 FEBLAL 
NE 0014-5793 0165 ? ?       ?                              
2       
;Purification, Characterization and Proteinase-Inhibitory Activity of a Clara-Cell Secretory Protein from the Pulmonary Extracellular Lining of Rabbits
;
Biochem.J.   248 337 ?   1987 BIJOAK UK 0264-6021 0043 ? ?       ?                              
3       'Uteroglobin. Structure, Molecular Biology, and New Perspectives on its Function as a Phospholipasea2 Inhibitor' 
Endocr.Rev.  8   474 ?   1987 ERVIDP US 0163-769X 0835 ? ?       ?                              
4       
;Use of Molecular Replacement in the Structure Determination of the P21212 and the P21 (Pseudo P21212) Crystal Forms of Oxidized Uteroglobin
;
J.Mol.Biol.  159 353 ?   1982 JMOBAK UK 0022-2836 0070 ? ?       ?                              
5       
;X-Ray Crystallographic Analysis of a Progesterone-Binding Protein. The C 2 2 21 Crystal Form of Oxidized Uteroglobin at 2.2 Angstroms Resolution
;
J.Mol.Biol.  137 415 ?   1980 JMOBAK UK 0022-2836 0070 ? ?       ?                              
6       'Characterization of Two New Crystal Forms of Uteroglobin' J.Mol.Biol.  127 237 ?   1979 JMOBAK UK 0022-2836 0070 ? ? ? 
7       'X-Ray Analysis of a Progesterone-Binding Protein (Uteroglobin). Preliminary Results' J.Mol.Biol.  122 237 ?   1978 JMOBAK 
UK 0022-2836 0070 ? ?       ?                              
# 
loop_
_citation_author.citation_id 
_citation_author.name 
_citation_author.ordinal 
_citation_author.identifier_ORCID 
primary 'Morize, I.'         1  ? 
primary 'Surcouf, E.'        2  ? 
primary 'Vaney, M.C.'        3  ? 
primary 'Epelboin, Y.'       4  ? 
primary 'Buehner, M.'        5  ? 
primary 'Fridlansky, F.'     6  ? 
primary 'Milgrom, E.'        7  ? 
primary 'Mornon, J.P.'       8  ? 
1       'Lopez Deharo, M.S.' 9  ? 
1       'Alvarez, L.'        10 ? 
1       'Nieto, A.'          11 ? 
2       'Gupta, R.P.'        12 ? 
2       'Patton, S.E.'       13 ? 
2       'Jetten, A.M.'       14 ? 
2       'Hook, G.E.R.'       15 ? 
3       'Miele, L.'          16 ? 
3       'Cordella-Miele, E.' 17 ? 
3       'Mukherjee, A.B.'    18 ? 
4       'Buehner, M.'        19 ? 
4       'Lifchitz, A.'       20 ? 
4       'Bally, R.'          21 ? 
4       'Mornon, J.P.'       22 ? 
5       'Mornon, J.P.'       23 ? 
5       'Fridlansky, F.'     24 ? 
5       'Bally, R.'          25 ? 
5       'Milgrom, E.'        26 ? 
6       'Mornon, J.P.'       27 ? 
6       'Bally, R.'          28 ? 
6       'Fridlansky, F.'     29 ? 
6       'Milgrom, E.'        30 ? 
7       'Mornon, J.P.'       31 ? 
7       'Surcouf, E.'        32 ? 
7       'Bally, R.'          33 ? 
7       'Fridlansky, F.'     34 ? 
7       'Milgrom, E.'        35 ? 
# 
loop_
_entity.id 
_entity.type 
_entity.src_method 
_entity.pdbx_description 
_entity.formula_weight 
_entity.pdbx_number_of_molecules 
_entity.pdbx_ec 
_entity.pdbx_mutation 
_entity.pdbx_fragment 
_entity.details 
1 polymer man UTEROGLOBIN 7910.272 1  ? ? ? ? 
2 water   nat water       18.015   83 ? ? ? ? 
# 
_entity_poly.entity_id                      1 
_entity_poly.type                           'polypeptide(L)' 
_entity_poly.nstd_linkage                   no 
_entity_poly.nstd_monomer                   no 
_entity_poly.pdbx_seq_one_letter_code       GICPRFAHVIENLLLGTPSSYETSLKEFEPDDTMKDAGMQMKKVLDSLPQTTRENIMKLTEKIVKSPLCM 
_entity_poly.pdbx_seq_one_letter_code_can   GICPRFAHVIENLLLGTPSSYETSLKEFEPDDTMKDAGMQMKKVLDSLPQTTRENIMKLTEKIVKSPLCM 
_entity_poly.pdbx_strand_id                 A 
_entity_poly.pdbx_target_identifier         ? 
# 
_pdbx_entity_nonpoly.entity_id   2 
_pdbx_entity_nonpoly.name        water 
_pdbx_entity_nonpoly.comp_id     HOH 
# 
loop_
_entity_poly_seq.entity_id 
_entity_poly_seq.num 
_entity_poly_seq.mon_id 
_entity_poly_seq.hetero 
1 1  GLY n 
1 2  ILE n 
1 3  CYS n 
1 4  PRO n 
1 5  ARG n 
1 6  PHE n 
1 7  ALA n 
1 8  HIS n 
1 9  VAL n 
1 10 ILE n 
1 11 GLU n 
1 12 ASN n 
1 13 LEU n 
1 14 LEU n 
1 15 LEU n 
1 16 GLY n 
1 17 THR n 
1 18 PRO n 
1 19 SER n 
1 20 SER n 
1 21 TYR n 
1 22 GLU n 
1 23 THR n 
1 24 SER n 
1 25 LEU n 
1 26 LYS n 
1 27 GLU n 
1 28 PHE n 
1 29 GLU n 
1 30 PRO n 
1 31 ASP n 
1 32 ASP n 
1 33 THR n 
1 34 MET n 
1 35 LYS n 
1 36 ASP n 
1 37 ALA n 
1 38 GLY n 
1 39 MET n 
1 40 GLN n 
1 41 MET n 
1 42 LYS n 
1 43 LYS n 
1 44 VAL n 
1 45 LEU n 
1 46 ASP n 
1 47 SER n 
1 48 LEU n 
1 49 PRO n 
1 50 GLN n 
1 51 THR n 
1 52 THR n 
1 53 ARG n 
1 54 GLU n 
1 55 ASN n 
1 56 ILE n 
1 57 MET n 
1 58 LYS n 
1 59 LEU n 
1 60 THR n 
1 61 GLU n 
1 62 LYS n 
1 63 ILE n 
1 64 VAL n 
1 65 LYS n 
1 66 SER n 
1 67 PRO n 
1 68 LEU n 
1 69 CYS n 
1 70 MET n 
# 
_entity_src_gen.entity_id                          1 
_entity_src_gen.pdbx_src_id                        1 
_entity_src_gen.pdbx_alt_source_flag               sample 
_entity_src_gen.pdbx_seq_type                      ? 
_entity_src_gen.pdbx_beg_seq_num                   ? 
_entity_src_gen.pdbx_end_seq_num                   ? 
_entity_src_gen.gene_src_common_name               rabbit 
_entity_src_gen.gene_src_genus                     Oryctolagus 
_entity_src_gen.pdbx_gene_src_gene                 ? 
_entity_src_gen.gene_src_species                   ? 
_entity_src_gen.gene_src_strain                    ? 
_entity_src_gen.gene_src_tissue                    ? 
_entity_src_gen.gene_src_tissue_fraction           ? 
_entity_src_gen.gene_src_details                   ? 
_entity_src_gen.pdbx_gene_src_fragment             ? 
_entity_src_gen.pdbx_gene_src_scientific_name      'Oryctolagus cuniculus' 
_entity_src_gen.pdbx_gene_src_ncbi_taxonomy_id     9986 
_entity_src_gen.pdbx_gene_src_variant              ? 
_entity_src_gen.pdbx_gene_src_cell_line            ? 
_entity_src_gen.pdbx_gene_src_atcc                 ? 
_entity_src_gen.pdbx_gene_src_organ                ? 
_entity_src_gen.pdbx_gene_src_organelle            ? 
_entity_src_gen.pdbx_gene_src_cell                 ? 
_entity_src_gen.pdbx_gene_src_cellular_location    ? 
_entity_src_gen.host_org_common_name               ? 
_entity_src_gen.pdbx_host_org_scientific_name      ? 
_entity_src_gen.pdbx_host_org_ncbi_taxonomy_id     ? 
_entity_src_gen.host_org_genus                     ? 
_entity_src_gen.pdbx_host_org_gene                 ? 
_entity_src_gen.pdbx_host_org_organ                ? 
_entity_src_gen.host_org_species                   ? 
_entity_src_gen.pdbx_host_org_tissue               ? 
_entity_src_gen.pdbx_host_org_tissue_fraction      ? 
_entity_src_gen.pdbx_host_org_strain               ? 
_entity_src_gen.pdbx_host_org_variant              ? 
_entity_src_gen.pdbx_host_org_cell_line            ? 
_entity_src_gen.pdbx_host_org_atcc                 ? 
_entity_src_gen.pdbx_host_org_culture_collection   ? 
_entity_src_gen.pdbx_host_org_cell                 ? 
_entity_src_gen.pdbx_host_org_organelle            ? 
_entity_src_gen.pdbx_host_org_cellular_location    ? 
_entity_src_gen.pdbx_host_org_vector_type          ? 
_entity_src_gen.pdbx_host_org_vector               ? 
_entity_src_gen.host_org_details                   ? 
_entity_src_gen.expression_system_id               ? 
_entity_src_gen.plasmid_name                       ? 
_entity_src_gen.plasmid_details                    ? 
_entity_src_gen.pdbx_description                   ? 
# 
loop_
_chem_comp.id 
_chem_comp.type 
_chem_comp.mon_nstd_flag 
_chem_comp.name 
_chem_comp.pdbx_synonyms 
_chem_comp.formula 
_chem_comp.formula_weight 
ALA 'L-peptide linking' y ALANINE         ? 'C3 H7 N O2'     89.093  
ARG 'L-peptide linking' y ARGININE        ? 'C6 H15 N4 O2 1' 175.209 
ASN 'L-peptide linking' y ASPARAGINE      ? 'C4 H8 N2 O3'    132.118 
ASP 'L-peptide linking' y 'ASPARTIC ACID' ? 'C4 H7 N O4'     133.103 
CYS 'L-peptide linking' y CYSTEINE        ? 'C3 H7 N O2 S'   121.158 
GLN 'L-peptide linking' y GLUTAMINE       ? 'C5 H10 N2 O3'   146.144 
GLU 'L-peptide linking' y 'GLUTAMIC ACID' ? 'C5 H9 N O4'     147.129 
GLY 'peptide linking'   y GLYCINE         ? 'C2 H5 N O2'     75.067  
HIS 'L-peptide linking' y HISTIDINE       ? 'C6 H10 N3 O2 1' 156.162 
HOH non-polymer         . WATER           ? 'H2 O'           18.015  
ILE 'L-peptide linking' y ISOLEUCINE      ? 'C6 H13 N O2'    131.173 
LEU 'L-peptide linking' y LEUCINE         ? 'C6 H13 N O2'    131.173 
LYS 'L-peptide linking' y LYSINE          ? 'C6 H15 N2 O2 1' 147.195 
MET 'L-peptide linking' y METHIONINE      ? 'C5 H11 N O2 S'  149.211 
PHE 'L-peptide linking' y PHENYLALANINE   ? 'C9 H11 N O2'    165.189 
PRO 'L-peptide linking' y PROLINE         ? 'C5 H9 N O2'     115.130 
SER 'L-peptide linking' y SERINE          ? 'C3 H7 N O3'     105.093 
THR 'L-peptide linking' y THREONINE       ? 'C4 H9 N O3'     119.119 
TYR 'L-peptide linking' y TYROSINE        ? 'C9 H11 N O3'    181.189 
VAL 'L-peptide linking' y VALINE          ? 'C5 H11 N O2'    117.146 
# 
loop_
_pdbx_poly_seq_scheme.asym_id 
_pdbx_poly_seq_scheme.entity_id 
_pdbx_poly_seq_scheme.seq_id 
_pdbx_poly_seq_scheme.mon_id 
_pdbx_poly_seq_scheme.ndb_seq_num 
_pdbx_poly_seq_scheme.pdb_seq_num 
_pdbx_poly_seq_scheme.auth_seq_num 
_pdbx_poly_seq_scheme.pdb_mon_id 
_pdbx_poly_seq_scheme.auth_mon_id 
_pdbx_poly_seq_scheme.pdb_strand_id 
_pdbx_poly_seq_scheme.pdb_ins_code 
_pdbx_poly_seq_scheme.hetero 
A 1 1  GLY 1  1  1  GLY GLY A . n 
A 1 2  ILE 2  2  2  ILE ILE A . n 
A 1 3  CYS 3  3  3  CYS CYS A . n 
A 1 4  PRO 4  4  4  PRO PRO A . n 
A 1 5  ARG 5  5  5  ARG ARG A . n 
A 1 6  PHE 6  6  6  PHE PHE A . n 
A 1 7  ALA 7  7  7  ALA ALA A . n 
A 1 8  HIS 8  8  8  HIS HIS A . n 
A 1 9  VAL 9  9  9  VAL VAL A . n 
A 1 10 ILE 10 10 10 ILE ILE A . n 
A 1 11 GLU 11 11 11 GLU GLU A . n 
A 1 12 ASN 12 12 12 ASN ASN A . n 
A 1 13 LEU 13 13 13 LEU LEU A . n 
A 1 14 LEU 14 14 14 LEU LEU A . n 
A 1 15 LEU 15 15 15 LEU LEU A . n 
A 1 16 GLY 16 16 16 GLY GLY A . n 
A 1 17 THR 17 17 17 THR THR A . n 
A 1 18 PRO 18 18 18 PRO PRO A . n 
A 1 19 SER 19 19 19 SER SER A . n 
A 1 20 SER 20 20 20 SER SER A . n 
A 1 21 TYR 21 21 21 TYR TYR A . n 
A 1 22 GLU 22 22 22 GLU GLU A . n 
A 1 23 THR 23 23 23 THR THR A . n 
A 1 24 SER 24 24 24 SER SER A . n 
A 1 25 LEU 25 25 25 LEU LEU A . n 
A 1 26 LYS 26 26 26 LYS LYS A . n 
A 1 27 GLU 27 27 27 GLU GLU A . n 
A 1 28 PHE 28 28 28 PHE PHE A . n 
A 1 29 GLU 29 29 29 GLU GLU A . n 
A 1 30 PRO 30 30 30 PRO PRO A . n 
A 1 31 ASP 31 31 31 ASP ASP A . n 
A 1 32 ASP 32 32 32 ASP ASP A . n 
A 1 33 THR 33 33 33 THR THR A . n 
A 1 34 MET 34 34 34 MET MET A . n 
A 1 35 LYS 35 35 35 LYS LYS A . n 
A 1 36 ASP 36 36 36 ASP ASP A . n 
A 1 37 ALA 37 37 37 ALA ALA A . n 
A 1 38 GLY 38 38 38 GLY GLY A . n 
A 1 39 MET 39 39 39 MET MET A . n 
A 1 40 GLN 40 40 40 GLN GLN A . n 
A 1 41 MET 41 41 41 MET MET A . n 
A 1 42 LYS 42 42 42 LYS LYS A . n 
A 1 43 LYS 43 43 43 LYS LYS A . n 
A 1 44 VAL 44 44 44 VAL VAL A . n 
A 1 45 LEU 45 45 45 LEU LEU A . n 
A 1 46 ASP 46 46 46 ASP ASP A . n 
A 1 47 SER 47 47 47 SER SER A . n 
A 1 48 LEU 48 48 48 LEU LEU A . n 
A 1 49 PRO 49 49 49 PRO PRO A . n 
A 1 50 GLN 50 50 50 GLN GLN A . n 
A 1 51 THR 51 51 51 THR THR A . n 
A 1 52 THR 52 52 52 THR THR A . n 
A 1 53 ARG 53 53 53 ARG ARG A . n 
A 1 54 GLU 54 54 54 GLU GLU A . n 
A 1 55 ASN 55 55 55 ASN ASN A . n 
A 1 56 ILE 56 56 56 ILE ILE A . n 
A 1 57 MET 57 57 57 MET MET A . n 
A 1 58 LYS 58 58 58 LYS LYS A . n 
A 1 59 LEU 59 59 59 LEU LEU A . n 
A 1 60 THR 60 60 60 THR THR A . n 
A 1 61 GLU 61 61 61 GLU GLU A . n 
A 1 62 LYS 62 62 62 LYS LYS A . n 
A 1 63 ILE 63 63 63 ILE ILE A . n 
A 1 64 VAL 64 64 64 VAL VAL A . n 
A 1 65 LYS 65 65 65 LYS LYS A . n 
A 1 66 SER 66 66 66 SER SER A . n 
A 1 67 PRO 67 67 67 PRO PRO A . n 
A 1 68 LEU 68 68 68 LEU LEU A . n 
A 1 69 CYS 69 69 69 CYS CYS A . n 
A 1 70 MET 70 70 70 MET MET A . n 
# 
loop_
_pdbx_nonpoly_scheme.asym_id 
_pdbx_nonpoly_scheme.entity_id 
_pdbx_nonpoly_scheme.mon_id 
_pdbx_nonpoly_scheme.ndb_seq_num 
_pdbx_nonpoly_scheme.pdb_seq_num 
_pdbx_nonpoly_scheme.auth_seq_num 
_pdbx_nonpoly_scheme.pdb_mon_id 
_pdbx_nonpoly_scheme.auth_mon_id 
_pdbx_nonpoly_scheme.pdb_strand_id 
_pdbx_nonpoly_scheme.pdb_ins_code 
B 2 HOH 1  71  1  HOH HOH A . 
B 2 HOH 2  72  2  HOH HOH A . 
B 2 HOH 3  73  3  HOH HOH A . 
B 2 HOH 4  74  4  HOH HOH A . 
B 2 HOH 5  75  5  HOH HOH A . 
B 2 HOH 6  76  6  HOH HOH A . 
B 2 HOH 7  77  7  HOH HOH A . 
B 2 HOH 8  78  8  HOH HOH A . 
B 2 HOH 9  79  9  HOH HOH A . 
B 2 HOH 10 80  10 HOH HOH A . 
B 2 HOH 11 81  11 HOH HOH A . 
B 2 HOH 12 82  12 HOH HOH A . 
B 2 HOH 13 83  13 HOH HOH A . 
B 2 HOH 14 84  14 HOH HOH A . 
B 2 HOH 15 85  15 HOH HOH A . 
B 2 HOH 16 86  16 HOH HOH A . 
B 2 HOH 17 87  17 HOH HOH A . 
B 2 HOH 18 88  18 HOH HOH A . 
B 2 HOH 19 89  19 HOH HOH A . 
B 2 HOH 20 90  20 HOH HOH A . 
B 2 HOH 21 91  21 HOH HOH A . 
B 2 HOH 22 92  22 HOH HOH A . 
B 2 HOH 23 93  23 HOH HOH A . 
B 2 HOH 24 94  24 HOH HOH A . 
B 2 HOH 25 95  25 HOH HOH A . 
B 2 HOH 26 96  26 HOH HOH A . 
B 2 HOH 27 97  27 HOH HOH A . 
B 2 HOH 28 98  28 HOH HOH A . 
B 2 HOH 29 99  29 HOH HOH A . 
B 2 HOH 30 100 30 HOH HOH A . 
B 2 HOH 31 101 31 HOH HOH A . 
B 2 HOH 32 102 32 HOH HOH A . 
B 2 HOH 33 103 33 HOH HOH A . 
B 2 HOH 34 104 34 HOH HOH A . 
B 2 HOH 35 105 35 HOH HOH A . 
B 2 HOH 36 106 36 HOH HOH A . 
B 2 HOH 37 107 37 HOH HOH A . 
B 2 HOH 38 108 38 HOH HOH A . 
B 2 HOH 39 109 39 HOH HOH A . 
B 2 HOH 40 110 40 HOH HOH A . 
B 2 HOH 41 111 41 HOH HOH A . 
B 2 HOH 42 112 42 HOH HOH A . 
B 2 HOH 43 113 43 HOH HOH A . 
B 2 HOH 44 114 44 HOH HOH A . 
B 2 HOH 45 115 45 HOH HOH A . 
B 2 HOH 46 116 46 HOH HOH A . 
B 2 HOH 47 117 47 HOH HOH A . 
B 2 HOH 48 118 48 HOH HOH A . 
B 2 HOH 49 119 49 HOH HOH A . 
B 2 HOH 50 120 50 HOH HOH A . 
B 2 HOH 51 121 51 HOH HOH A . 
B 2 HOH 52 122 52 HOH HOH A . 
B 2 HOH 53 123 53 HOH HOH A . 
B 2 HOH 54 124 54 HOH HOH A . 
B 2 HOH 55 125 55 HOH HOH A . 
B 2 HOH 56 126 56 HOH HOH A . 
B 2 HOH 57 127 57 HOH HOH A . 
B 2 HOH 58 128 58 HOH HOH A . 
B 2 HOH 59 129 59 HOH HOH A . 
B 2 HOH 60 130 60 HOH HOH A . 
B 2 HOH 61 131 61 HOH HOH A . 
B 2 HOH 62 132 62 HOH HOH A . 
B 2 HOH 63 133 63 HOH HOH A . 
B 2 HOH 64 134 64 HOH HOH A . 
B 2 HOH 65 135 65 HOH HOH A . 
B 2 HOH 66 136 66 HOH HOH A . 
B 2 HOH 67 137 67 HOH HOH A . 
B 2 HOH 68 138 68 HOH HOH A . 
B 2 HOH 69 139 69 HOH HOH A . 
B 2 HOH 70 140 70 HOH HOH A . 
B 2 HOH 71 141 71 HOH HOH A . 
B 2 HOH 72 142 72 HOH HOH A . 
B 2 HOH 73 143 73 HOH HOH A . 
B 2 HOH 74 144 74 HOH HOH A . 
B 2 HOH 75 145 75 HOH HOH A . 
B 2 HOH 76 146 76 HOH HOH A . 
B 2 HOH 77 147 77 HOH HOH A . 
B 2 HOH 78 148 78 HOH HOH A . 
B 2 HOH 79 149 79 HOH HOH A . 
B 2 HOH 80 150 80 HOH HOH A . 
B 2 HOH 81 151 81 HOH HOH A . 
B 2 HOH 82 152 82 HOH HOH A . 
B 2 HOH 83 153 83 HOH HOH A . 
# 
_software.name             PROLSQ 
_software.classification   refinement 
_software.version          . 
_software.citation_id      ? 
_software.pdbx_ordinal     1 
# 
_cell.entry_id           1UTG 
_cell.length_a           50.860 
_cell.length_b           52.220 
_cell.length_c           47.280 
_cell.angle_alpha        90.00 
_cell.angle_beta         90.00 
_cell.angle_gamma        90.00 
_cell.Z_PDB              8 
_cell.pdbx_unique_axis   ? 
# 
_symmetry.entry_id                         1UTG 
_symmetry.space_group_name_H-M             'C 2 2 21' 
_symmetry.pdbx_full_space_group_name_H-M   ? 
_symmetry.cell_setting                     ? 
_symmetry.Int_Tables_number                20 
# 
_exptl.entry_id          1UTG 
_exptl.method            'X-RAY DIFFRACTION' 
_exptl.crystals_number   ? 
# 
_exptl_crystal.id                    1 
_exptl_crystal.density_meas          ? 
_exptl_crystal.density_Matthews      1.98 
_exptl_crystal.density_percent_sol   37.97 
_exptl_crystal.description           ? 
# 
_diffrn.id                     1 
_diffrn.crystal_id             1 
_diffrn.ambient_temp           ? 
_diffrn.ambient_temp_details   ? 
# 
_refine.entry_id                                 1UTG 
_refine.ls_number_reflns_obs                     ? 
_refine.ls_number_reflns_all                     ? 
_refine.pdbx_ls_sigma_I                          ? 
_refine.pdbx_ls_sigma_F                          ? 
_refine.pdbx_data_cutoff_high_absF               ? 
_refine.pdbx_data_cutoff_low_absF                ? 
_refine.pdbx_data_cutoff_high_rms_absF           ? 
_refine.ls_d_res_low                             ? 
_refine.ls_d_res_high                            1.34 
_refine.ls_percent_reflns_obs                    ? 
_refine.ls_R_factor_obs                          0.2300000 
_refine.ls_R_factor_all                          ? 
_refine.ls_R_factor_R_work                       ? 
_refine.ls_R_factor_R_free                       ? 
_refine.ls_R_factor_R_free_error                 ? 
_refine.ls_R_factor_R_free_error_details         ? 
_refine.ls_percent_reflns_R_free                 ? 
_refine.ls_number_reflns_R_free                  ? 
_refine.ls_number_parameters                     ? 
_refine.ls_number_restraints                     ? 
_refine.occupancy_min                            ? 
_refine.occupancy_max                            ? 
_refine.B_iso_mean                               ? 
_refine.aniso_B[1][1]                            ? 
_refine.aniso_B[2][2]                            ? 
_refine.aniso_B[3][3]                            ? 
_refine.aniso_B[1][2]                            ? 
_refine.aniso_B[1][3]                            ? 
_refine.aniso_B[2][3]                            ? 
_refine.solvent_model_details                    ? 
_refine.solvent_model_param_ksol                 ? 
_refine.solvent_model_param_bsol                 ? 
_refine.pdbx_ls_cross_valid_method               ? 
_refine.details                                  ? 
_refine.pdbx_starting_model                      ? 
_refine.pdbx_method_to_determine_struct          ? 
_refine.pdbx_isotropic_thermal_model             ? 
_refine.pdbx_stereochemistry_target_values       ? 
_refine.pdbx_stereochem_target_val_spec_case     ? 
_refine.pdbx_R_Free_selection_details            ? 
_refine.pdbx_overall_ESU_R                       ? 
_refine.pdbx_overall_ESU_R_Free                  ? 
_refine.overall_SU_ML                            ? 
_refine.overall_SU_B                             ? 
_refine.pdbx_refine_id                           'X-RAY DIFFRACTION' 
_refine.pdbx_diffrn_id                           1 
_refine.pdbx_TLS_residual_ADP_flag               ? 
_refine.correlation_coeff_Fo_to_Fc               ? 
_refine.correlation_coeff_Fo_to_Fc_free          ? 
_refine.pdbx_solvent_vdw_probe_radii             ? 
_refine.pdbx_solvent_ion_probe_radii             ? 
_refine.pdbx_solvent_shrinkage_radii             ? 
_refine.pdbx_overall_phase_error                 ? 
_refine.overall_SU_R_Cruickshank_DPI             ? 
_refine.pdbx_overall_SU_R_free_Cruickshank_DPI   ? 
_refine.pdbx_overall_SU_R_Blow_DPI               ? 
_refine.pdbx_overall_SU_R_free_Blow_DPI          ? 
# 
_refine_hist.pdbx_refine_id                   'X-RAY DIFFRACTION' 
_refine_hist.cycle_id                         LAST 
_refine_hist.pdbx_number_atoms_protein        548 
_refine_hist.pdbx_number_atoms_nucleic_acid   0 
_refine_hist.pdbx_number_atoms_ligand         0 
_refine_hist.number_atoms_solvent             83 
_refine_hist.number_atoms_total               631 
_refine_hist.d_res_high                       1.34 
_refine_hist.d_res_low                        . 
# 
loop_
_refine_ls_restr.type 
_refine_ls_restr.dev_ideal 
_refine_ls_restr.dev_ideal_target 
_refine_ls_restr.weight 
_refine_ls_restr.number 
_refine_ls_restr.pdbx_refine_id 
_refine_ls_restr.pdbx_restraint_function 
p_bond_d            0.013 0.014 ? ? 'X-RAY DIFFRACTION' ? 
p_angle_d           0.041 0.027 ? ? 'X-RAY DIFFRACTION' ? 
p_angle_deg         ?     ?     ? ? 'X-RAY DIFFRACTION' ? 
p_planar_d          ?     ?     ? ? 'X-RAY DIFFRACTION' ? 
p_hb_or_metal_coord ?     ?     ? ? 'X-RAY DIFFRACTION' ? 
p_mcbond_it         ?     ?     ? ? 'X-RAY DIFFRACTION' ? 
p_mcangle_it        ?     ?     ? ? 'X-RAY DIFFRACTION' ? 
p_scbond_it         ?     ?     ? ? 'X-RAY DIFFRACTION' ? 
p_scangle_it        ?     ?     ? ? 'X-RAY DIFFRACTION' ? 
p_plane_restr       0.008 0.016 ? ? 'X-RAY DIFFRACTION' ? 
p_chiral_restr      0.204 0.130 ? ? 'X-RAY DIFFRACTION' ? 
p_singtor_nbd       0.279 0.350 ? ? 'X-RAY DIFFRACTION' ? 
p_multtor_nbd       0.130 0.350 ? ? 'X-RAY DIFFRACTION' ? 
p_xhyhbond_nbd      0.177 0.350 ? ? 'X-RAY DIFFRACTION' ? 
p_xyhbond_nbd       ?     ?     ? ? 'X-RAY DIFFRACTION' ? 
p_planar_tor        5.1   2.5   ? ? 'X-RAY DIFFRACTION' ? 
p_staggered_tor     ?     ?     ? ? 'X-RAY DIFFRACTION' ? 
p_orthonormal_tor   ?     ?     ? ? 'X-RAY DIFFRACTION' ? 
p_transverse_tor    ?     ?     ? ? 'X-RAY DIFFRACTION' ? 
p_special_tor       ?     ?     ? ? 'X-RAY DIFFRACTION' ? 
# 
_struct.entry_id                  1UTG 
_struct.title                     'REFINEMENT OF THE C2221 CRYSTAL FORM OF OXIDIZED UTEROGLOBIN AT 1.34 ANGSTROMS RESOLUTION' 
_struct.pdbx_model_details        ? 
_struct.pdbx_CASP_flag            ? 
_struct.pdbx_model_type_details   ? 
# 
_struct_keywords.entry_id        1UTG 
_struct_keywords.pdbx_keywords   'STEROID BINDING' 
_struct_keywords.text            'STEROID BINDING' 
# 
loop_
_struct_asym.id 
_struct_asym.pdbx_blank_PDB_chainid_flag 
_struct_asym.pdbx_modified 
_struct_asym.entity_id 
_struct_asym.details 
A N N 1 ? 
B N N 2 ? 
# 
_struct_ref.id                         1 
_struct_ref.db_name                    UNP 
_struct_ref.db_code                    UTER_RABIT 
_struct_ref.entity_id                  1 
_struct_ref.pdbx_db_accession          P02779 
_struct_ref.pdbx_align_begin           1 
_struct_ref.pdbx_seq_one_letter_code   
;MKLAITLALVTLALLCSPASAGICPRFAHVIENLLLGTPSSYETSLKEFEPDDTMKDAGMQMKKVLDSLPQTTRENIMKL
TEKIVKSPLCM
;
_struct_ref.pdbx_db_isoform            ? 
# 
_struct_ref_seq.align_id                      1 
_struct_ref_seq.ref_id                        1 
_struct_ref_seq.pdbx_PDB_id_code              1UTG 
_struct_ref_seq.pdbx_strand_id                A 
_struct_ref_seq.seq_align_beg                 1 
_struct_ref_seq.pdbx_seq_align_beg_ins_code   ? 
_struct_ref_seq.seq_align_end                 70 
_struct_ref_seq.pdbx_seq_align_end_ins_code   ? 
_struct_ref_seq.pdbx_db_accession             P02779 
_struct_ref_seq.db_align_beg                  22 
_struct_ref_seq.pdbx_db_align_beg_ins_code    ? 
_struct_ref_seq.db_align_end                  91 
_struct_ref_seq.pdbx_db_align_end_ins_code    ? 
_struct_ref_seq.pdbx_auth_seq_align_beg       1 
_struct_ref_seq.pdbx_auth_seq_align_end       70 
# 
_pdbx_struct_assembly.id                   1 
_pdbx_struct_assembly.details              author_and_software_defined_assembly 
_pdbx_struct_assembly.method_details       PISA,PQS 
_pdbx_struct_assembly.oligomeric_details   dimeric 
_pdbx_struct_assembly.oligomeric_count     2 
# 
loop_
_pdbx_struct_assembly_prop.biol_id 
_pdbx_struct_assembly_prop.type 
_pdbx_struct_assembly_prop.value 
_pdbx_struct_assembly_prop.details 
1 'ABSA (A^2)' 2930 ? 
1 MORE         -39  ? 
1 'SSA (A^2)'  7470 ? 
# 
_pdbx_struct_assembly_gen.assembly_id       1 
_pdbx_struct_assembly_gen.oper_expression   1,2 
_pdbx_struct_assembly_gen.asym_id_list      A,B 
# 
loop_
_pdbx_struct_oper_list.id 
_pdbx_struct_oper_list.type 
_pdbx_struct_oper_list.name 
_pdbx_struct_oper_list.symmetry_operation 
_pdbx_struct_oper_list.matrix[1][1] 
_pdbx_struct_oper_list.matrix[1][2] 
_pdbx_struct_oper_list.matrix[1][3] 
_pdbx_struct_oper_list.vector[1] 
_pdbx_struct_oper_list.matrix[2][1] 
_pdbx_struct_oper_list.matrix[2][2] 
_pdbx_struct_oper_list.matrix[2][3] 
_pdbx_struct_oper_list.vector[2] 
_pdbx_struct_oper_list.matrix[3][1] 
_pdbx_struct_oper_list.matrix[3][2] 
_pdbx_struct_oper_list.matrix[3][3] 
_pdbx_struct_oper_list.vector[3] 
1 'identity operation'         1_555 x,y,z         1.0000000000  0.0000000000 0.0000000000  0.0000000000 0.0000000000 1.0000000000  0.0000000000  0.0000000000 0.0000000000  0.0000000000  1.0000000000  0.0000000000 
2 'crystal symmetry operation' 3_656 -x+1,y,-z+3/2 -0.4644638555 0.7118765547 -0.5267875262 6.1596411055 0.7118765547 -0.0537179715 -0.7002472066 2.0475960212 -0.5267875262 -0.7002472066 -0.4818181730 9.0289648357 
# 
_struct_biol.id   1 
# 
loop_
_struct_conf.conf_type_id 
_struct_conf.id 
_struct_conf.pdbx_PDB_helix_id 
_struct_conf.beg_label_comp_id 
_struct_conf.beg_label_asym_id 
_struct_conf.beg_label_seq_id 
_struct_conf.pdbx_beg_PDB_ins_code 
_struct_conf.end_label_comp_id 
_struct_conf.end_label_asym_id 
_struct_conf.end_label_seq_id 
_struct_conf.pdbx_end_PDB_ins_code 
_struct_conf.beg_auth_comp_id 
_struct_conf.beg_auth_asym_id 
_struct_conf.beg_auth_seq_id 
_struct_conf.end_auth_comp_id 
_struct_conf.end_auth_asym_id 
_struct_conf.end_auth_seq_id 
_struct_conf.pdbx_PDB_helix_class 
_struct_conf.details 
_struct_conf.pdbx_PDB_helix_length 
HELX_P HELX_P1 H1 PRO A 4  ? LEU A 14 ? PRO A 4  LEU A 14 1 ? 11 
HELX_P HELX_P2 H2 PRO A 18 ? GLU A 27 ? PRO A 18 GLU A 27 1 ? 10 
HELX_P HELX_P3 H3 ASP A 32 ? SER A 47 ? ASP A 32 SER A 47 1 ? 16 
HELX_P HELX_P4 H4 GLN A 50 ? LYS A 65 ? GLN A 50 LYS A 65 1 ? 16 
# 
_struct_conf_type.id          HELX_P 
_struct_conf_type.criteria    ? 
_struct_conf_type.reference   ? 
# 
_struct_conn.id                            disulf1 
_struct_conn.conn_type_id                  disulf 
_struct_conn.pdbx_leaving_atom_flag        ? 
_struct_conn.pdbx_PDB_id                   ? 
_struct_conn.ptnr1_label_asym_id           A 
_struct_conn.ptnr1_label_comp_id           CYS 
_struct_conn.ptnr1_label_seq_id            3 
_struct_conn.ptnr1_label_atom_id           SG 
_struct_conn.pdbx_ptnr1_label_alt_id       ? 
_struct_conn.pdbx_ptnr1_PDB_ins_code       ? 
_struct_conn.pdbx_ptnr1_standard_comp_id   ? 
_struct_conn.ptnr1_symmetry                1_555 
_struct_conn.ptnr2_label_asym_id           A 
_struct_conn.ptnr2_label_comp_id           CYS 
_struct_conn.ptnr2_label_seq_id            69 
_struct_conn.ptnr2_label_atom_id           SG 
_struct_conn.pdbx_ptnr2_label_alt_id       ? 
_struct_conn.pdbx_ptnr2_PDB_ins_code       ? 
_struct_conn.ptnr1_auth_asym_id            A 
_struct_conn.ptnr1_auth_comp_id            CYS 
_struct_conn.ptnr1_auth_seq_id             3 
_struct_conn.ptnr2_auth_asym_id            A 
_struct_conn.ptnr2_auth_comp_id            CYS 
_struct_conn.ptnr2_auth_seq_id             69 
_struct_conn.ptnr2_symmetry                3_656 
_struct_conn.pdbx_ptnr3_label_atom_id      ? 
_struct_conn.pdbx_ptnr3_label_seq_id       ? 
_struct_conn.pdbx_ptnr3_label_comp_id      ? 
_struct_conn.pdbx_ptnr3_label_asym_id      ? 
_struct_conn.pdbx_ptnr3_label_alt_id       ? 
_struct_conn.pdbx_ptnr3_PDB_ins_code       ? 
_struct_conn.details                       ? 
_struct_conn.pdbx_dist_value               2.004 
_struct_conn.pdbx_value_order              ? 
_struct_conn.pdbx_role                     ? 
# 
_struct_conn_type.id          disulf 
_struct_conn_type.criteria    ? 
_struct_conn_type.reference   ? 
# 
_pdbx_modification_feature.ordinal                            1 
_pdbx_modification_feature.label_comp_id                      CYS 
_pdbx_modification_feature.label_asym_id                      A 
_pdbx_modification_feature.label_seq_id                       3 
_pdbx_modification_feature.label_alt_id                       ? 
_pdbx_modification_feature.modified_residue_label_comp_id     CYS 
_pdbx_modification_feature.modified_residue_label_asym_id     A 
_pdbx_modification_feature.modified_residue_label_seq_id      69 
_pdbx_modification_feature.modified_residue_label_alt_id      ? 
_pdbx_modification_feature.auth_comp_id                       CYS 
_pdbx_modification_feature.auth_asym_id                       A 
_pdbx_modification_feature.auth_seq_id                        3 
_pdbx_modification_feature.PDB_ins_code                       ? 
_pdbx_modification_feature.symmetry                           1_555 
_pdbx_modification_feature.modified_residue_auth_comp_id      CYS 
_pdbx_modification_feature.modified_residue_auth_asym_id      A 
_pdbx_modification_feature.modified_residue_auth_seq_id       69 
_pdbx_modification_feature.modified_residue_PDB_ins_code      ? 
_pdbx_modification_feature.modified_residue_symmetry          3_656 
_pdbx_modification_feature.comp_id_linking_atom               SG 
_pdbx_modification_feature.modified_residue_id_linking_atom   SG 
_pdbx_modification_feature.modified_residue_id                . 
_pdbx_modification_feature.ref_pcm_id                         . 
_pdbx_modification_feature.ref_comp_id                        . 
_pdbx_modification_feature.type                               None 
_pdbx_modification_feature.category                           'Disulfide bridge' 
# 
_struct_site.id                   CAV 
_struct_site.pdbx_evidence_code   Unknown 
_struct_site.pdbx_auth_asym_id    ? 
_struct_site.pdbx_auth_comp_id    ? 
_struct_site.pdbx_auth_seq_id     ? 
_struct_site.pdbx_auth_ins_code   ? 
_struct_site.pdbx_num_residues    12 
_struct_site.details              ? 
# 
loop_
_struct_site_gen.id 
_struct_site_gen.site_id 
_struct_site_gen.pdbx_num_res 
_struct_site_gen.label_comp_id 
_struct_site_gen.label_asym_id 
_struct_site_gen.label_seq_id 
_struct_site_gen.pdbx_auth_ins_code 
_struct_site_gen.auth_comp_id 
_struct_site_gen.auth_asym_id 
_struct_site_gen.auth_seq_id 
_struct_site_gen.label_atom_id 
_struct_site_gen.label_alt_id 
_struct_site_gen.symmetry 
_struct_site_gen.details 
1  CAV 12 PHE A 6  ? PHE A 6  . ? 1_555 ? 
2  CAV 12 VAL A 9  ? VAL A 9  . ? 1_555 ? 
3  CAV 12 ILE A 10 ? ILE A 10 . ? 1_555 ? 
4  CAV 12 LEU A 13 ? LEU A 13 . ? 1_555 ? 
5  CAV 12 LEU A 14 ? LEU A 14 . ? 1_555 ? 
6  CAV 12 TYR A 21 ? TYR A 21 . ? 1_555 ? 
7  CAV 12 LEU A 25 ? LEU A 25 . ? 1_555 ? 
8  CAV 12 GLY A 38 ? GLY A 38 . ? 1_555 ? 
9  CAV 12 MET A 41 ? MET A 41 . ? 1_555 ? 
10 CAV 12 ILE A 56 ? ILE A 56 . ? 1_555 ? 
11 CAV 12 LEU A 59 ? LEU A 59 . ? 1_555 ? 
12 CAV 12 THR A 60 ? THR A 60 . ? 1_555 ? 
# 
_pdbx_entry_details.entry_id                   1UTG 
_pdbx_entry_details.compound_details           
;THE SECONDARY STRUCTURE CONSISTS OF FOUR ALPHA-HELICES AND
ONE BETA-TURN PER MONOMER.

A CAVITY EXISTS IN THE DIMER, BETWEEN THE TWO MONOMERS. ITS
LENGTH IS 15.6 ANGSTROMS AND ITS WIDTH IS 9. ANGSTROMS.  14
WATER MOLECULES POSITIONS COULD BE RECOGNISED AS DISORDERED
INSIDE THE CAVITY.
;
_pdbx_entry_details.source_details             ? 
_pdbx_entry_details.nonpolymer_details         ? 
_pdbx_entry_details.sequence_details           ? 
_pdbx_entry_details.has_ligand_of_interest     ? 
_pdbx_entry_details.has_protein_modification   Y 
# 
_pdbx_validate_symm_contact.id                1 
_pdbx_validate_symm_contact.PDB_model_num     1 
_pdbx_validate_symm_contact.auth_atom_id_1    O 
_pdbx_validate_symm_contact.auth_asym_id_1    A 
_pdbx_validate_symm_contact.auth_comp_id_1    HOH 
_pdbx_validate_symm_contact.auth_seq_id_1     81 
_pdbx_validate_symm_contact.PDB_ins_code_1    ? 
_pdbx_validate_symm_contact.label_alt_id_1    ? 
_pdbx_validate_symm_contact.site_symmetry_1   1_555 
_pdbx_validate_symm_contact.auth_atom_id_2    O 
_pdbx_validate_symm_contact.auth_asym_id_2    A 
_pdbx_validate_symm_contact.auth_comp_id_2    HOH 
_pdbx_validate_symm_contact.auth_seq_id_2     81 
_pdbx_validate_symm_contact.PDB_ins_code_2    ? 
_pdbx_validate_symm_contact.label_alt_id_2    ? 
_pdbx_validate_symm_contact.site_symmetry_2   4_567 
_pdbx_validate_symm_contact.dist              1.59 
# 
_pdbx_validate_rmsd_bond.id                        1 
_pdbx_validate_rmsd_bond.PDB_model_num             1 
_pdbx_validate_rmsd_bond.auth_atom_id_1            CD 
_pdbx_validate_rmsd_bond.auth_asym_id_1            A 
_pdbx_validate_rmsd_bond.auth_comp_id_1            GLU 
_pdbx_validate_rmsd_bond.auth_seq_id_1             61 
_pdbx_validate_rmsd_bond.PDB_ins_code_1            ? 
_pdbx_validate_rmsd_bond.label_alt_id_1            ? 
_pdbx_validate_rmsd_bond.auth_atom_id_2            OE2 
_pdbx_validate_rmsd_bond.auth_asym_id_2            A 
_pdbx_validate_rmsd_bond.auth_comp_id_2            GLU 
_pdbx_validate_rmsd_bond.auth_seq_id_2             61 
_pdbx_validate_rmsd_bond.PDB_ins_code_2            ? 
_pdbx_validate_rmsd_bond.label_alt_id_2            ? 
_pdbx_validate_rmsd_bond.bond_value                1.326 
_pdbx_validate_rmsd_bond.bond_target_value         1.252 
_pdbx_validate_rmsd_bond.bond_deviation            0.074 
_pdbx_validate_rmsd_bond.bond_standard_deviation   0.011 
_pdbx_validate_rmsd_bond.linker_flag               N 
# 
loop_
_pdbx_validate_rmsd_angle.id 
_pdbx_validate_rmsd_angle.PDB_model_num 
_pdbx_validate_rmsd_angle.auth_atom_id_1 
_pdbx_validate_rmsd_angle.auth_asym_id_1 
_pdbx_validate_rmsd_angle.auth_comp_id_1 
_pdbx_validate_rmsd_angle.auth_seq_id_1 
_pdbx_validate_rmsd_angle.PDB_ins_code_1 
_pdbx_validate_rmsd_angle.label_alt_id_1 
_pdbx_validate_rmsd_angle.auth_atom_id_2 
_pdbx_validate_rmsd_angle.auth_asym_id_2 
_pdbx_validate_rmsd_angle.auth_comp_id_2 
_pdbx_validate_rmsd_angle.auth_seq_id_2 
_pdbx_validate_rmsd_angle.PDB_ins_code_2 
_pdbx_validate_rmsd_angle.label_alt_id_2 
_pdbx_validate_rmsd_angle.auth_atom_id_3 
_pdbx_validate_rmsd_angle.auth_asym_id_3 
_pdbx_validate_rmsd_angle.auth_comp_id_3 
_pdbx_validate_rmsd_angle.auth_seq_id_3 
_pdbx_validate_rmsd_angle.PDB_ins_code_3 
_pdbx_validate_rmsd_angle.label_alt_id_3 
_pdbx_validate_rmsd_angle.angle_value 
_pdbx_validate_rmsd_angle.angle_target_value 
_pdbx_validate_rmsd_angle.angle_deviation 
_pdbx_validate_rmsd_angle.angle_standard_deviation 
_pdbx_validate_rmsd_angle.linker_flag 
1 1 CD A ARG 5  ? ? NE A ARG 5  ? ? CZ  A ARG 5  ? ? 140.45 123.60 16.85 1.40 N 
2 1 NE A ARG 5  ? ? CZ A ARG 5  ? ? NH1 A ARG 5  ? ? 126.69 120.30 6.39  0.50 N 
3 1 NE A ARG 5  ? ? CZ A ARG 5  ? ? NH2 A ARG 5  ? ? 114.25 120.30 -6.05 0.50 N 
4 1 N  A GLN 40 ? ? CA A GLN 40 ? ? CB  A GLN 40 ? ? 121.64 110.60 11.04 1.80 N 
5 1 CB A ARG 53 ? ? CG A ARG 53 ? ? CD  A ARG 53 ? ? 129.74 111.60 18.14 2.60 N 
6 1 CD A ARG 53 ? ? NE A ARG 53 ? ? CZ  A ARG 53 ? ? 133.54 123.60 9.94  1.40 N 
# 
_pdbx_struct_special_symmetry.id              1 
_pdbx_struct_special_symmetry.PDB_model_num   1 
_pdbx_struct_special_symmetry.auth_asym_id    A 
_pdbx_struct_special_symmetry.auth_comp_id    HOH 
_pdbx_struct_special_symmetry.auth_seq_id     147 
_pdbx_struct_special_symmetry.PDB_ins_code    ? 
_pdbx_struct_special_symmetry.label_asym_id   B 
_pdbx_struct_special_symmetry.label_comp_id   HOH 
_pdbx_struct_special_symmetry.label_seq_id    . 
# 
loop_
_chem_comp_atom.comp_id 
_chem_comp_atom.atom_id 
_chem_comp_atom.type_symbol 
_chem_comp_atom.pdbx_aromatic_flag 
_chem_comp_atom.pdbx_stereo_config 
_chem_comp_atom.pdbx_ordinal 
ALA N    N N N 1   
ALA CA   C N S 2   
ALA C    C N N 3   
ALA O    O N N 4   
ALA CB   C N N 5   
ALA OXT  O N N 6   
ALA H    H N N 7   
ALA H2   H N N 8   
ALA HA   H N N 9   
ALA HB1  H N N 10  
ALA HB2  H N N 11  
ALA HB3  H N N 12  
ALA HXT  H N N 13  
ARG N    N N N 14  
ARG CA   C N S 15  
ARG C    C N N 16  
ARG O    O N N 17  
ARG CB   C N N 18  
ARG CG   C N N 19  
ARG CD   C N N 20  
ARG NE   N N N 21  
ARG CZ   C N N 22  
ARG NH1  N N N 23  
ARG NH2  N N N 24  
ARG OXT  O N N 25  
ARG H    H N N 26  
ARG H2   H N N 27  
ARG HA   H N N 28  
ARG HB2  H N N 29  
ARG HB3  H N N 30  
ARG HG2  H N N 31  
ARG HG3  H N N 32  
ARG HD2  H N N 33  
ARG HD3  H N N 34  
ARG HE   H N N 35  
ARG HH11 H N N 36  
ARG HH12 H N N 37  
ARG HH21 H N N 38  
ARG HH22 H N N 39  
ARG HXT  H N N 40  
ASN N    N N N 41  
ASN CA   C N S 42  
ASN C    C N N 43  
ASN O    O N N 44  
ASN CB   C N N 45  
ASN CG   C N N 46  
ASN OD1  O N N 47  
ASN ND2  N N N 48  
ASN OXT  O N N 49  
ASN H    H N N 50  
ASN H2   H N N 51  
ASN HA   H N N 52  
ASN HB2  H N N 53  
ASN HB3  H N N 54  
ASN HD21 H N N 55  
ASN HD22 H N N 56  
ASN HXT  H N N 57  
ASP N    N N N 58  
ASP CA   C N S 59  
ASP C    C N N 60  
ASP O    O N N 61  
ASP CB   C N N 62  
ASP CG   C N N 63  
ASP OD1  O N N 64  
ASP OD2  O N N 65  
ASP OXT  O N N 66  
ASP H    H N N 67  
ASP H2   H N N 68  
ASP HA   H N N 69  
ASP HB2  H N N 70  
ASP HB3  H N N 71  
ASP HD2  H N N 72  
ASP HXT  H N N 73  
CYS N    N N N 74  
CYS CA   C N R 75  
CYS C    C N N 76  
CYS O    O N N 77  
CYS CB   C N N 78  
CYS SG   S N N 79  
CYS OXT  O N N 80  
CYS H    H N N 81  
CYS H2   H N N 82  
CYS HA   H N N 83  
CYS HB2  H N N 84  
CYS HB3  H N N 85  
CYS HG   H N N 86  
CYS HXT  H N N 87  
GLN N    N N N 88  
GLN CA   C N S 89  
GLN C    C N N 90  
GLN O    O N N 91  
GLN CB   C N N 92  
GLN CG   C N N 93  
GLN CD   C N N 94  
GLN OE1  O N N 95  
GLN NE2  N N N 96  
GLN OXT  O N N 97  
GLN H    H N N 98  
GLN H2   H N N 99  
GLN HA   H N N 100 
GLN HB2  H N N 101 
GLN HB3  H N N 102 
GLN HG2  H N N 103 
GLN HG3  H N N 104 
GLN HE21 H N N 105 
GLN HE22 H N N 106 
GLN HXT  H N N 107 
GLU N    N N N 108 
GLU CA   C N S 109 
GLU C    C N N 110 
GLU O    O N N 111 
GLU CB   C N N 112 
GLU CG   C N N 113 
GLU CD   C N N 114 
GLU OE1  O N N 115 
GLU OE2  O N N 116 
GLU OXT  O N N 117 
GLU H    H N N 118 
GLU H2   H N N 119 
GLU HA   H N N 120 
GLU HB2  H N N 121 
GLU HB3  H N N 122 
GLU HG2  H N N 123 
GLU HG3  H N N 124 
GLU HE2  H N N 125 
GLU HXT  H N N 126 
GLY N    N N N 127 
GLY CA   C N N 128 
GLY C    C N N 129 
GLY O    O N N 130 
GLY OXT  O N N 131 
GLY H    H N N 132 
GLY H2   H N N 133 
GLY HA2  H N N 134 
GLY HA3  H N N 135 
GLY HXT  H N N 136 
HIS N    N N N 137 
HIS CA   C N S 138 
HIS C    C N N 139 
HIS O    O N N 140 
HIS CB   C N N 141 
HIS CG   C Y N 142 
HIS ND1  N Y N 143 
HIS CD2  C Y N 144 
HIS CE1  C Y N 145 
HIS NE2  N Y N 146 
HIS OXT  O N N 147 
HIS H    H N N 148 
HIS H2   H N N 149 
HIS HA   H N N 150 
HIS HB2  H N N 151 
HIS HB3  H N N 152 
HIS HD1  H N N 153 
HIS HD2  H N N 154 
HIS HE1  H N N 155 
HIS HE2  H N N 156 
HIS HXT  H N N 157 
HOH O    O N N 158 
HOH H1   H N N 159 
HOH H2   H N N 160 
ILE N    N N N 161 
ILE CA   C N S 162 
ILE C    C N N 163 
ILE O    O N N 164 
ILE CB   C N S 165 
ILE CG1  C N N 166 
ILE CG2  C N N 167 
ILE CD1  C N N 168 
ILE OXT  O N N 169 
ILE H    H N N 170 
ILE H2   H N N 171 
ILE HA   H N N 172 
ILE HB   H N N 173 
ILE HG12 H N N 174 
ILE HG13 H N N 175 
ILE HG21 H N N 176 
ILE HG22 H N N 177 
ILE HG23 H N N 178 
ILE HD11 H N N 179 
ILE HD12 H N N 180 
ILE HD13 H N N 181 
ILE HXT  H N N 182 
LEU N    N N N 183 
LEU CA   C N S 184 
LEU C    C N N 185 
LEU O    O N N 186 
LEU CB   C N N 187 
LEU CG   C N N 188 
LEU CD1  C N N 189 
LEU CD2  C N N 190 
LEU OXT  O N N 191 
LEU H    H N N 192 
LEU H2   H N N 193 
LEU HA   H N N 194 
LEU HB2  H N N 195 
LEU HB3  H N N 196 
LEU HG   H N N 197 
LEU HD11 H N N 198 
LEU HD12 H N N 199 
LEU HD13 H N N 200 
LEU HD21 H N N 201 
LEU HD22 H N N 202 
LEU HD23 H N N 203 
LEU HXT  H N N 204 
LYS N    N N N 205 
LYS CA   C N S 206 
LYS C    C N N 207 
LYS O    O N N 208 
LYS CB   C N N 209 
LYS CG   C N N 210 
LYS CD   C N N 211 
LYS CE   C N N 212 
LYS NZ   N N N 213 
LYS OXT  O N N 214 
LYS H    H N N 215 
LYS H2   H N N 216 
LYS HA   H N N 217 
LYS HB2  H N N 218 
LYS HB3  H N N 219 
LYS HG2  H N N 220 
LYS HG3  H N N 221 
LYS HD2  H N N 222 
LYS HD3  H N N 223 
LYS HE2  H N N 224 
LYS HE3  H N N 225 
LYS HZ1  H N N 226 
LYS HZ2  H N N 227 
LYS HZ3  H N N 228 
LYS HXT  H N N 229 
MET N    N N N 230 
MET CA   C N S 231 
MET C    C N N 232 
MET O    O N N 233 
MET CB   C N N 234 
MET CG   C N N 235 
MET SD   S N N 236 
MET CE   C N N 237 
MET OXT  O N N 238 
MET H    H N N 239 
MET H2   H N N 240 
MET HA   H N N 241 
MET HB2  H N N 242 
MET HB3  H N N 243 
MET HG2  H N N 244 
MET HG3  H N N 245 
MET HE1  H N N 246 
MET HE2  H N N 247 
MET HE3  H N N 248 
MET HXT  H N N 249 
PHE N    N N N 250 
PHE CA   C N S 251 
PHE C    C N N 252 
PHE O    O N N 253 
PHE CB   C N N 254 
PHE CG   C Y N 255 
PHE CD1  C Y N 256 
PHE CD2  C Y N 257 
PHE CE1  C Y N 258 
PHE CE2  C Y N 259 
PHE CZ   C Y N 260 
PHE OXT  O N N 261 
PHE H    H N N 262 
PHE H2   H N N 263 
PHE HA   H N N 264 
PHE HB2  H N N 265 
PHE HB3  H N N 266 
PHE HD1  H N N 267 
PHE HD2  H N N 268 
PHE HE1  H N N 269 
PHE HE2  H N N 270 
PHE HZ   H N N 271 
PHE HXT  H N N 272 
PRO N    N N N 273 
PRO CA   C N S 274 
PRO C    C N N 275 
PRO O    O N N 276 
PRO CB   C N N 277 
PRO CG   C N N 278 
PRO CD   C N N 279 
PRO OXT  O N N 280 
PRO H    H N N 281 
PRO HA   H N N 282 
PRO HB2  H N N 283 
PRO HB3  H N N 284 
PRO HG2  H N N 285 
PRO HG3  H N N 286 
PRO HD2  H N N 287 
PRO HD3  H N N 288 
PRO HXT  H N N 289 
SER N    N N N 290 
SER CA   C N S 291 
SER C    C N N 292 
SER O    O N N 293 
SER CB   C N N 294 
SER OG   O N N 295 
SER OXT  O N N 296 
SER H    H N N 297 
SER H2   H N N 298 
SER HA   H N N 299 
SER HB2  H N N 300 
SER HB3  H N N 301 
SER HG   H N N 302 
SER HXT  H N N 303 
THR N    N N N 304 
THR CA   C N S 305 
THR C    C N N 306 
THR O    O N N 307 
THR CB   C N R 308 
THR OG1  O N N 309 
THR CG2  C N N 310 
THR OXT  O N N 311 
THR H    H N N 312 
THR H2   H N N 313 
THR HA   H N N 314 
THR HB   H N N 315 
THR HG1  H N N 316 
THR HG21 H N N 317 
THR HG22 H N N 318 
THR HG23 H N N 319 
THR HXT  H N N 320 
TYR N    N N N 321 
TYR CA   C N S 322 
TYR C    C N N 323 
TYR O    O N N 324 
TYR CB   C N N 325 
TYR CG   C Y N 326 
TYR CD1  C Y N 327 
TYR CD2  C Y N 328 
TYR CE1  C Y N 329 
TYR CE2  C Y N 330 
TYR CZ   C Y N 331 
TYR OH   O N N 332 
TYR OXT  O N N 333 
TYR H    H N N 334 
TYR H2   H N N 335 
TYR HA   H N N 336 
TYR HB2  H N N 337 
TYR HB3  H N N 338 
TYR HD1  H N N 339 
TYR HD2  H N N 340 
TYR HE1  H N N 341 
TYR HE2  H N N 342 
TYR HH   H N N 343 
TYR HXT  H N N 344 
VAL N    N N N 345 
VAL CA   C N S 346 
VAL C    C N N 347 
VAL O    O N N 348 
VAL CB   C N N 349 
VAL CG1  C N N 350 
VAL CG2  C N N 351 
VAL OXT  O N N 352 
VAL H    H N N 353 
VAL H2   H N N 354 
VAL HA   H N N 355 
VAL HB   H N N 356 
VAL HG11 H N N 357 
VAL HG12 H N N 358 
VAL HG13 H N N 359 
VAL HG21 H N N 360 
VAL HG22 H N N 361 
VAL HG23 H N N 362 
VAL HXT  H N N 363 
# 
loop_
_chem_comp_bond.comp_id 
_chem_comp_bond.atom_id_1 
_chem_comp_bond.atom_id_2 
_chem_comp_bond.value_order 
_chem_comp_bond.pdbx_aromatic_flag 
_chem_comp_bond.pdbx_stereo_config 
_chem_comp_bond.pdbx_ordinal 
ALA N   CA   sing N N 1   
ALA N   H    sing N N 2   
ALA N   H2   sing N N 3   
ALA CA  C    sing N N 4   
ALA CA  CB   sing N N 5   
ALA CA  HA   sing N N 6   
ALA C   O    doub N N 7   
ALA C   OXT  sing N N 8   
ALA CB  HB1  sing N N 9   
ALA CB  HB2  sing N N 10  
ALA CB  HB3  sing N N 11  
ALA OXT HXT  sing N N 12  
ARG N   CA   sing N N 13  
ARG N   H    sing N N 14  
ARG N   H2   sing N N 15  
ARG CA  C    sing N N 16  
ARG CA  CB   sing N N 17  
ARG CA  HA   sing N N 18  
ARG C   O    doub N N 19  
ARG C   OXT  sing N N 20  
ARG CB  CG   sing N N 21  
ARG CB  HB2  sing N N 22  
ARG CB  HB3  sing N N 23  
ARG CG  CD   sing N N 24  
ARG CG  HG2  sing N N 25  
ARG CG  HG3  sing N N 26  
ARG CD  NE   sing N N 27  
ARG CD  HD2  sing N N 28  
ARG CD  HD3  sing N N 29  
ARG NE  CZ   sing N N 30  
ARG NE  HE   sing N N 31  
ARG CZ  NH1  sing N N 32  
ARG CZ  NH2  doub N N 33  
ARG NH1 HH11 sing N N 34  
ARG NH1 HH12 sing N N 35  
ARG NH2 HH21 sing N N 36  
ARG NH2 HH22 sing N N 37  
ARG OXT HXT  sing N N 38  
ASN N   CA   sing N N 39  
ASN N   H    sing N N 40  
ASN N   H2   sing N N 41  
ASN CA  C    sing N N 42  
ASN CA  CB   sing N N 43  
ASN CA  HA   sing N N 44  
ASN C   O    doub N N 45  
ASN C   OXT  sing N N 46  
ASN CB  CG   sing N N 47  
ASN CB  HB2  sing N N 48  
ASN CB  HB3  sing N N 49  
ASN CG  OD1  doub N N 50  
ASN CG  ND2  sing N N 51  
ASN ND2 HD21 sing N N 52  
ASN ND2 HD22 sing N N 53  
ASN OXT HXT  sing N N 54  
ASP N   CA   sing N N 55  
ASP N   H    sing N N 56  
ASP N   H2   sing N N 57  
ASP CA  C    sing N N 58  
ASP CA  CB   sing N N 59  
ASP CA  HA   sing N N 60  
ASP C   O    doub N N 61  
ASP C   OXT  sing N N 62  
ASP CB  CG   sing N N 63  
ASP CB  HB2  sing N N 64  
ASP CB  HB3  sing N N 65  
ASP CG  OD1  doub N N 66  
ASP CG  OD2  sing N N 67  
ASP OD2 HD2  sing N N 68  
ASP OXT HXT  sing N N 69  
CYS N   CA   sing N N 70  
CYS N   H    sing N N 71  
CYS N   H2   sing N N 72  
CYS CA  C    sing N N 73  
CYS CA  CB   sing N N 74  
CYS CA  HA   sing N N 75  
CYS C   O    doub N N 76  
CYS C   OXT  sing N N 77  
CYS CB  SG   sing N N 78  
CYS CB  HB2  sing N N 79  
CYS CB  HB3  sing N N 80  
CYS SG  HG   sing N N 81  
CYS OXT HXT  sing N N 82  
GLN N   CA   sing N N 83  
GLN N   H    sing N N 84  
GLN N   H2   sing N N 85  
GLN CA  C    sing N N 86  
GLN CA  CB   sing N N 87  
GLN CA  HA   sing N N 88  
GLN C   O    doub N N 89  
GLN C   OXT  sing N N 90  
GLN CB  CG   sing N N 91  
GLN CB  HB2  sing N N 92  
GLN CB  HB3  sing N N 93  
GLN CG  CD   sing N N 94  
GLN CG  HG2  sing N N 95  
GLN CG  HG3  sing N N 96  
GLN CD  OE1  doub N N 97  
GLN CD  NE2  sing N N 98  
GLN NE2 HE21 sing N N 99  
GLN NE2 HE22 sing N N 100 
GLN OXT HXT  sing N N 101 
GLU N   CA   sing N N 102 
GLU N   H    sing N N 103 
GLU N   H2   sing N N 104 
GLU CA  C    sing N N 105 
GLU CA  CB   sing N N 106 
GLU CA  HA   sing N N 107 
GLU C   O    doub N N 108 
GLU C   OXT  sing N N 109 
GLU CB  CG   sing N N 110 
GLU CB  HB2  sing N N 111 
GLU CB  HB3  sing N N 112 
GLU CG  CD   sing N N 113 
GLU CG  HG2  sing N N 114 
GLU CG  HG3  sing N N 115 
GLU CD  OE1  doub N N 116 
GLU CD  OE2  sing N N 117 
GLU OE2 HE2  sing N N 118 
GLU OXT HXT  sing N N 119 
GLY N   CA   sing N N 120 
GLY N   H    sing N N 121 
GLY N   H2   sing N N 122 
GLY CA  C    sing N N 123 
GLY CA  HA2  sing N N 124 
GLY CA  HA3  sing N N 125 
GLY C   O    doub N N 126 
GLY C   OXT  sing N N 127 
GLY OXT HXT  sing N N 128 
HIS N   CA   sing N N 129 
HIS N   H    sing N N 130 
HIS N   H2   sing N N 131 
HIS CA  C    sing N N 132 
HIS CA  CB   sing N N 133 
HIS CA  HA   sing N N 134 
HIS C   O    doub N N 135 
HIS C   OXT  sing N N 136 
HIS CB  CG   sing N N 137 
HIS CB  HB2  sing N N 138 
HIS CB  HB3  sing N N 139 
HIS CG  ND1  sing Y N 140 
HIS CG  CD2  doub Y N 141 
HIS ND1 CE1  doub Y N 142 
HIS ND1 HD1  sing N N 143 
HIS CD2 NE2  sing Y N 144 
HIS CD2 HD2  sing N N 145 
HIS CE1 NE2  sing Y N 146 
HIS CE1 HE1  sing N N 147 
HIS NE2 HE2  sing N N 148 
HIS OXT HXT  sing N N 149 
HOH O   H1   sing N N 150 
HOH O   H2   sing N N 151 
ILE N   CA   sing N N 152 
ILE N   H    sing N N 153 
ILE N   H2   sing N N 154 
ILE CA  C    sing N N 155 
ILE CA  CB   sing N N 156 
ILE CA  HA   sing N N 157 
ILE C   O    doub N N 158 
ILE C   OXT  sing N N 159 
ILE CB  CG1  sing N N 160 
ILE CB  CG2  sing N N 161 
ILE CB  HB   sing N N 162 
ILE CG1 CD1  sing N N 163 
ILE CG1 HG12 sing N N 164 
ILE CG1 HG13 sing N N 165 
ILE CG2 HG21 sing N N 166 
ILE CG2 HG22 sing N N 167 
ILE CG2 HG23 sing N N 168 
ILE CD1 HD11 sing N N 169 
ILE CD1 HD12 sing N N 170 
ILE CD1 HD13 sing N N 171 
ILE OXT HXT  sing N N 172 
LEU N   CA   sing N N 173 
LEU N   H    sing N N 174 
LEU N   H2   sing N N 175 
LEU CA  C    sing N N 176 
LEU CA  CB   sing N N 177 
LEU CA  HA   sing N N 178 
LEU C   O    doub N N 179 
LEU C   OXT  sing N N 180 
LEU CB  CG   sing N N 181 
LEU CB  HB2  sing N N 182 
LEU CB  HB3  sing N N 183 
LEU CG  CD1  sing N N 184 
LEU CG  CD2  sing N N 185 
LEU CG  HG   sing N N 186 
LEU CD1 HD11 sing N N 187 
LEU CD1 HD12 sing N N 188 
LEU CD1 HD13 sing N N 189 
LEU CD2 HD21 sing N N 190 
LEU CD2 HD22 sing N N 191 
LEU CD2 HD23 sing N N 192 
LEU OXT HXT  sing N N 193 
LYS N   CA   sing N N 194 
LYS N   H    sing N N 195 
LYS N   H2   sing N N 196 
LYS CA  C    sing N N 197 
LYS CA  CB   sing N N 198 
LYS CA  HA   sing N N 199 
LYS C   O    doub N N 200 
LYS C   OXT  sing N N 201 
LYS CB  CG   sing N N 202 
LYS CB  HB2  sing N N 203 
LYS CB  HB3  sing N N 204 
LYS CG  CD   sing N N 205 
LYS CG  HG2  sing N N 206 
LYS CG  HG3  sing N N 207 
LYS CD  CE   sing N N 208 
LYS CD  HD2  sing N N 209 
LYS CD  HD3  sing N N 210 
LYS CE  NZ   sing N N 211 
LYS CE  HE2  sing N N 212 
LYS CE  HE3  sing N N 213 
LYS NZ  HZ1  sing N N 214 
LYS NZ  HZ2  sing N N 215 
LYS NZ  HZ3  sing N N 216 
LYS OXT HXT  sing N N 217 
MET N   CA   sing N N 218 
MET N   H    sing N N 219 
MET N   H2   sing N N 220 
MET CA  C    sing N N 221 
MET CA  CB   sing N N 222 
MET CA  HA   sing N N 223 
MET C   O    doub N N 224 
MET C   OXT  sing N N 225 
MET CB  CG   sing N N 226 
MET CB  HB2  sing N N 227 
MET CB  HB3  sing N N 228 
MET CG  SD   sing N N 229 
MET CG  HG2  sing N N 230 
MET CG  HG3  sing N N 231 
MET SD  CE   sing N N 232 
MET CE  HE1  sing N N 233 
MET CE  HE2  sing N N 234 
MET CE  HE3  sing N N 235 
MET OXT HXT  sing N N 236 
PHE N   CA   sing N N 237 
PHE N   H    sing N N 238 
PHE N   H2   sing N N 239 
PHE CA  C    sing N N 240 
PHE CA  CB   sing N N 241 
PHE CA  HA   sing N N 242 
PHE C   O    doub N N 243 
PHE C   OXT  sing N N 244 
PHE CB  CG   sing N N 245 
PHE CB  HB2  sing N N 246 
PHE CB  HB3  sing N N 247 
PHE CG  CD1  doub Y N 248 
PHE CG  CD2  sing Y N 249 
PHE CD1 CE1  sing Y N 250 
PHE CD1 HD1  sing N N 251 
PHE CD2 CE2  doub Y N 252 
PHE CD2 HD2  sing N N 253 
PHE CE1 CZ   doub Y N 254 
PHE CE1 HE1  sing N N 255 
PHE CE2 CZ   sing Y N 256 
PHE CE2 HE2  sing N N 257 
PHE CZ  HZ   sing N N 258 
PHE OXT HXT  sing N N 259 
PRO N   CA   sing N N 260 
PRO N   CD   sing N N 261 
PRO N   H    sing N N 262 
PRO CA  C    sing N N 263 
PRO CA  CB   sing N N 264 
PRO CA  HA   sing N N 265 
PRO C   O    doub N N 266 
PRO C   OXT  sing N N 267 
PRO CB  CG   sing N N 268 
PRO CB  HB2  sing N N 269 
PRO CB  HB3  sing N N 270 
PRO CG  CD   sing N N 271 
PRO CG  HG2  sing N N 272 
PRO CG  HG3  sing N N 273 
PRO CD  HD2  sing N N 274 
PRO CD  HD3  sing N N 275 
PRO OXT HXT  sing N N 276 
SER N   CA   sing N N 277 
SER N   H    sing N N 278 
SER N   H2   sing N N 279 
SER CA  C    sing N N 280 
SER CA  CB   sing N N 281 
SER CA  HA   sing N N 282 
SER C   O    doub N N 283 
SER C   OXT  sing N N 284 
SER CB  OG   sing N N 285 
SER CB  HB2  sing N N 286 
SER CB  HB3  sing N N 287 
SER OG  HG   sing N N 288 
SER OXT HXT  sing N N 289 
THR N   CA   sing N N 290 
THR N   H    sing N N 291 
THR N   H2   sing N N 292 
THR CA  C    sing N N 293 
THR CA  CB   sing N N 294 
THR CA  HA   sing N N 295 
THR C   O    doub N N 296 
THR C   OXT  sing N N 297 
THR CB  OG1  sing N N 298 
THR CB  CG2  sing N N 299 
THR CB  HB   sing N N 300 
THR OG1 HG1  sing N N 301 
THR CG2 HG21 sing N N 302 
THR CG2 HG22 sing N N 303 
THR CG2 HG23 sing N N 304 
THR OXT HXT  sing N N 305 
TYR N   CA   sing N N 306 
TYR N   H    sing N N 307 
TYR N   H2   sing N N 308 
TYR CA  C    sing N N 309 
TYR CA  CB   sing N N 310 
TYR CA  HA   sing N N 311 
TYR C   O    doub N N 312 
TYR C   OXT  sing N N 313 
TYR CB  CG   sing N N 314 
TYR CB  HB2  sing N N 315 
TYR CB  HB3  sing N N 316 
TYR CG  CD1  doub Y N 317 
TYR CG  CD2  sing Y N 318 
TYR CD1 CE1  sing Y N 319 
TYR CD1 HD1  sing N N 320 
TYR CD2 CE2  doub Y N 321 
TYR CD2 HD2  sing N N 322 
TYR CE1 CZ   doub Y N 323 
TYR CE1 HE1  sing N N 324 
TYR CE2 CZ   sing Y N 325 
TYR CE2 HE2  sing N N 326 
TYR CZ  OH   sing N N 327 
TYR OH  HH   sing N N 328 
TYR OXT HXT  sing N N 329 
VAL N   CA   sing N N 330 
VAL N   H    sing N N 331 
VAL N   H2   sing N N 332 
VAL CA  C    sing N N 333 
VAL CA  CB   sing N N 334 
VAL CA  HA   sing N N 335 
VAL C   O    doub N N 336 
VAL C   OXT  sing N N 337 
VAL CB  CG1  sing N N 338 
VAL CB  CG2  sing N N 339 
VAL CB  HB   sing N N 340 
VAL CG1 HG11 sing N N 341 
VAL CG1 HG12 sing N N 342 
VAL CG1 HG13 sing N N 343 
VAL CG2 HG21 sing N N 344 
VAL CG2 HG22 sing N N 345 
VAL CG2 HG23 sing N N 346 
VAL OXT HXT  sing N N 347 
# 
_atom_sites.entry_id                    1UTG 
_atom_sites.fract_transf_matrix[1][1]   0.00248264 
_atom_sites.fract_transf_matrix[1][2]   -0.01277457 
_atom_sites.fract_transf_matrix[1][3]   -0.01473910 
_atom_sites.fract_transf_matrix[2][1]   0.00990942 
_atom_sites.fract_transf_matrix[2][2]   0.01317237 
_atom_sites.fract_transf_matrix[2][3]   -0.00974754 
_atom_sites.fract_transf_matrix[3][1]   0.01790091 
_atom_sites.fract_transf_matrix[3][2]   -0.00684514 
_atom_sites.fract_transf_matrix[3][3]   0.00894798 
_atom_sites.fract_transf_vector[1]      0.571977 
_atom_sites.fract_transf_vector[2]      0.282158 
_atom_sites.fract_transf_vector[3]      0.661495 
# 
_atom_sites_footnote.id     1 
_atom_sites_footnote.text   'SEE REMARK 5.' 
# 
loop_
_atom_type.symbol 
C 
N 
O 
S 
# 
loop_
_atom_site.group_PDB 
_atom_site.id 
_atom_site.type_symbol 
_atom_site.label_atom_id 
_atom_site.label_alt_id 
_atom_site.label_comp_id 
_atom_site.label_asym_id 
_atom_site.label_entity_id 
_atom_site.label_seq_id 
_atom_site.pdbx_PDB_ins_code 
_atom_site.Cartn_x 
_atom_site.Cartn_y 
_atom_site.Cartn_z 
_atom_site.occupancy 
_atom_site.B_iso_or_equiv 
_atom_site.pdbx_formal_charge 
_atom_site.auth_seq_id 
_atom_site.auth_comp_id 
_atom_site.auth_asym_id 
_atom_site.auth_atom_id 
_atom_site.pdbx_PDB_model_num 
ATOM   1   N N   . GLY A 1 1  ? 7.799   14.179  -3.242  1.00 18.03 ? 1   GLY A N   1 
ATOM   2   C CA  . GLY A 1 1  ? 6.739   13.772  -2.298  1.00 17.99 ? 1   GLY A CA  1 
ATOM   3   C C   . GLY A 1 1  ? 6.816   12.254  -2.081  1.00 17.87 ? 1   GLY A C   1 
ATOM   4   O O   . GLY A 1 1  ? 7.086   11.749  -0.970  1.00 16.97 ? 1   GLY A O   1 
ATOM   5   N N   . ILE A 1 2  ? 6.544   11.554  -3.185  1.00 16.77 ? 2   ILE A N   1 
ATOM   6   C CA  . ILE A 1 2  ? 6.486   10.091  -3.168  1.00 16.46 ? 2   ILE A CA  1 
ATOM   7   C C   . ILE A 1 2  ? 6.537   9.485   -4.567  1.00 16.11 ? 2   ILE A C   1 
ATOM   8   O O   . ILE A 1 2  ? 5.856   9.925   -5.492  1.00 15.61 ? 2   ILE A O   1 
ATOM   9   C CB  . ILE A 1 2  ? 5.213   9.560   -2.410  1.00 15.52 ? 2   ILE A CB  1 
ATOM   10  C CG1 . ILE A 1 2  ? 5.548   8.109   -1.943  1.00 16.02 ? 2   ILE A CG1 1 
ATOM   11  C CG2 . ILE A 1 2  ? 3.950   9.622   -3.294  1.00 14.97 ? 2   ILE A CG2 1 
ATOM   12  C CD1 . ILE A 1 2  ? 4.334   7.416   -1.242  1.00 16.35 ? 2   ILE A CD1 1 
ATOM   13  N N   . CYS A 1 3  ? 7.387   8.470   -4.670  1.00 15.30 ? 3   CYS A N   1 
ATOM   14  C CA  . CYS A 1 3  ? 7.487   7.674   -5.895  1.00 14.22 ? 3   CYS A CA  1 
ATOM   15  C C   . CYS A 1 3  ? 6.091   7.189   -6.320  1.00 11.98 ? 3   CYS A C   1 
ATOM   16  O O   . CYS A 1 3  ? 5.403   6.491   -5.552  1.00 11.52 ? 3   CYS A O   1 
ATOM   17  C CB  . CYS A 1 3  ? 8.500   6.562   -5.770  1.00 16.37 ? 3   CYS A CB  1 
ATOM   18  S SG  . CYS A 1 3  ? 8.345   5.422   -7.174  1.00 18.02 ? 3   CYS A SG  1 
ATOM   19  N N   . PRO A 1 4  ? 5.725   7.572   -7.539  1.00 12.14 ? 4   PRO A N   1 
ATOM   20  C CA  . PRO A 1 4  ? 4.347   7.371   -8.014  1.00 11.87 ? 4   PRO A CA  1 
ATOM   21  C C   . PRO A 1 4  ? 3.926   5.912   -7.979  1.00 10.42 ? 4   PRO A C   1 
ATOM   22  O O   . PRO A 1 4  ? 2.770   5.662   -7.578  1.00 12.15 ? 4   PRO A O   1 
ATOM   23  C CB  . PRO A 1 4  ? 4.467   7.925   -9.447  1.00 11.17 ? 4   PRO A CB  1 
ATOM   24  C CG  . PRO A 1 4  ? 5.246   9.185   -9.170  1.00 12.59 ? 4   PRO A CG  1 
ATOM   25  C CD  . PRO A 1 4  ? 6.415   8.625   -8.342  1.00 11.90 ? 4   PRO A CD  1 
ATOM   26  N N   . ARG A 1 5  ? 4.849   5.010   -8.305  1.00 10.27 ? 5   ARG A N   1 
ATOM   27  C CA  . ARG A 1 5  ? 4.513   3.572   -8.304  1.00 9.48  ? 5   ARG A CA  1 
ATOM   28  C C   . ARG A 1 5  ? 4.318   2.979   -6.924  1.00 9.10  ? 5   ARG A C   1 
ATOM   29  O O   . ARG A 1 5  ? 3.546   2.054   -6.681  1.00 9.59  ? 5   ARG A O   1 
ATOM   30  C CB  . ARG A 1 5  ? 5.515   2.803   -9.150  1.00 9.03  ? 5   ARG A CB  1 
ATOM   31  C CG  . ARG A 1 5  ? 5.159   2.641   -10.607 1.00 10.33 ? 5   ARG A CG  1 
ATOM   32  C CD  . ARG A 1 5  ? 6.178   1.810   -11.358 1.00 12.21 ? 5   ARG A CD  1 
ATOM   33  N NE  . ARG A 1 5  ? 6.328   2.294   -12.710 1.00 12.97 ? 5   ARG A NE  1 
ATOM   34  C CZ  . ARG A 1 5  ? 6.959   3.214   -13.384 1.00 14.29 ? 5   ARG A CZ  1 
ATOM   35  N NH1 . ARG A 1 5  ? 7.854   4.073   -12.909 1.00 13.94 ? 5   ARG A NH1 1 
ATOM   36  N NH2 . ARG A 1 5  ? 6.629   3.268   -14.690 1.00 15.68 ? 5   ARG A NH2 1 
ATOM   37  N N   . PHE A 1 6  ? 5.076   3.525   -5.985  1.00 10.57 ? 6   PHE A N   1 
ATOM   38  C CA  . PHE A 1 6  ? 5.068   3.192   -4.555  1.00 12.81 ? 6   PHE A CA  1 
ATOM   39  C C   . PHE A 1 6  ? 3.715   3.585   -3.960  1.00 13.19 ? 6   PHE A C   1 
ATOM   40  O O   . PHE A 1 6  ? 3.134   2.824   -3.163  1.00 15.73 ? 6   PHE A O   1 
ATOM   41  C CB  . PHE A 1 6  ? 6.203   3.768   -3.721  1.00 12.82 ? 6   PHE A CB  1 
ATOM   42  C CG  . PHE A 1 6  ? 6.325   3.431   -2.264  1.00 11.20 ? 6   PHE A CG  1 
ATOM   43  C CD1 . PHE A 1 6  ? 6.745   4.407   -1.357  1.00 13.25 ? 6   PHE A CD1 1 
ATOM   44  C CD2 . PHE A 1 6  ? 6.027   2.163   -1.782  1.00 11.35 ? 6   PHE A CD2 1 
ATOM   45  C CE1 . PHE A 1 6  ? 6.894   4.127   -0.004  1.00 12.88 ? 6   PHE A CE1 1 
ATOM   46  C CE2 . PHE A 1 6  ? 6.121   1.842   -0.430  1.00 11.26 ? 6   PHE A CE2 1 
ATOM   47  C CZ  . PHE A 1 6  ? 6.581   2.847   0.441   1.00 12.00 ? 6   PHE A CZ  1 
ATOM   48  N N   . ALA A 1 7  ? 3.277   4.771   -4.355  1.00 12.74 ? 7   ALA A N   1 
ATOM   49  C CA  . ALA A 1 7  ? 1.991   5.294   -3.866  1.00 12.47 ? 7   ALA A CA  1 
ATOM   50  C C   . ALA A 1 7  ? 0.876   4.337   -4.353  1.00 12.31 ? 7   ALA A C   1 
ATOM   51  O O   . ALA A 1 7  ? -0.068  4.132   -3.600  1.00 14.19 ? 7   ALA A O   1 
ATOM   52  C CB  . ALA A 1 7  ? 1.666   6.654   -4.488  1.00 12.79 ? 7   ALA A CB  1 
ATOM   53  N N   . HIS A 1 8  ? 1.049   3.860   -5.587  1.00 12.00 ? 8   HIS A N   1 
ATOM   54  C CA  . HIS A 1 8  ? 0.019   2.972   -6.160  1.00 12.09 ? 8   HIS A CA  1 
ATOM   55  C C   . HIS A 1 8  ? -0.155  1.687   -5.361  1.00 9.39  ? 8   HIS A C   1 
ATOM   56  O O   . HIS A 1 8  ? -1.222  1.184   -5.033  1.00 9.17  ? 8   HIS A O   1 
ATOM   57  C CB  . HIS A 1 8  ? 0.214   2.655   -7.650  1.00 15.93 ? 8   HIS A CB  1 
ATOM   58  C CG  . HIS A 1 8  ? -0.005  3.905   -8.454  1.00 18.51 ? 8   HIS A CG  1 
ATOM   59  N ND1 . HIS A 1 8  ? -1.029  4.787   -8.272  1.00 20.58 ? 8   HIS A ND1 1 
ATOM   60  C CD2 . HIS A 1 8  ? 0.714   4.386   -9.492  1.00 20.62 ? 8   HIS A CD2 1 
ATOM   61  C CE1 . HIS A 1 8  ? -0.938  5.769   -9.157  1.00 21.05 ? 8   HIS A CE1 1 
ATOM   62  N NE2 . HIS A 1 8  ? 0.121   5.542   -9.918  1.00 19.64 ? 8   HIS A NE2 1 
ATOM   63  N N   . VAL A 1 9  ? 0.987   1.157   -5.003  1.00 7.19  ? 9   VAL A N   1 
ATOM   64  C CA  . VAL A 1 9  ? 1.273   0.033   -4.132  1.00 7.09  ? 9   VAL A CA  1 
ATOM   65  C C   . VAL A 1 9  ? 0.499   0.289   -2.857  1.00 4.74  ? 9   VAL A C   1 
ATOM   66  O O   . VAL A 1 9  ? -0.401  -0.491  -2.517  1.00 6.17  ? 9   VAL A O   1 
ATOM   67  C CB  . VAL A 1 9  ? 2.765   -0.295  -3.925  1.00 6.99  ? 9   VAL A CB  1 
ATOM   68  C CG1 . VAL A 1 9  ? 2.918   -1.276  -2.751  1.00 8.01  ? 9   VAL A CG1 1 
ATOM   69  C CG2 . VAL A 1 9  ? 3.316   -0.928  -5.211  1.00 7.15  ? 9   VAL A CG2 1 
ATOM   70  N N   . ILE A 1 10 ? 0.873   1.347   -2.130  1.00 6.93  ? 10  ILE A N   1 
ATOM   71  C CA  . ILE A 1 10 ? 0.158   1.658   -0.885  1.00 5.38  ? 10  ILE A CA  1 
ATOM   72  C C   . ILE A 1 10 ? -1.357  1.792   -1.098  1.00 5.30  ? 10  ILE A C   1 
ATOM   73  O O   . ILE A 1 10 ? -2.098  1.240   -0.253  1.00 3.99  ? 10  ILE A O   1 
ATOM   74  C CB  . ILE A 1 10 ? 0.722   2.979   -0.266  1.00 6.78  ? 10  ILE A CB  1 
ATOM   75  C CG1 . ILE A 1 10 ? 2.232   2.909   0.041   1.00 6.61  ? 10  ILE A CG1 1 
ATOM   76  C CG2 . ILE A 1 10 ? -0.072  3.465   0.978   1.00 6.39  ? 10  ILE A CG2 1 
ATOM   77  C CD1 . ILE A 1 10 ? 3.041   4.233   0.089   1.00 9.14  ? 10  ILE A CD1 1 
ATOM   78  N N   . GLU A 1 11 ? -1.780  2.440   -2.182  1.00 9.23  ? 11  GLU A N   1 
ATOM   79  C CA  . GLU A 1 11 ? -3.216  2.632   -2.405  1.00 9.72  ? 11  GLU A CA  1 
ATOM   80  C C   . GLU A 1 11 ? -3.929  1.279   -2.521  1.00 10.67 ? 11  GLU A C   1 
ATOM   81  O O   . GLU A 1 11 ? -5.028  1.043   -1.972  1.00 8.26  ? 11  GLU A O   1 
ATOM   82  C CB  . GLU A 1 11 ? -3.597  3.485   -3.625  1.00 14.00 ? 11  GLU A CB  1 
ATOM   83  C CG  . GLU A 1 11 ? -5.071  3.871   -3.745  1.00 18.20 ? 11  GLU A CG  1 
ATOM   84  C CD  . GLU A 1 11 ? -5.448  4.956   -4.711  1.00 20.96 ? 11  GLU A CD  1 
ATOM   85  O OE1 . GLU A 1 11 ? -4.780  5.288   -5.672  1.00 22.37 ? 11  GLU A OE1 1 
ATOM   86  O OE2 . GLU A 1 11 ? -6.558  5.492   -4.459  1.00 23.08 ? 11  GLU A OE2 1 
ATOM   87  N N   . ASN A 1 12 ? -3.229  0.399   -3.232  1.00 6.65  ? 12  ASN A N   1 
ATOM   88  C CA  . ASN A 1 12 ? -3.849  -0.928  -3.488  1.00 7.54  ? 12  ASN A CA  1 
ATOM   89  C C   . ASN A 1 12 ? -3.837  -1.774  -2.195  1.00 7.43  ? 12  ASN A C   1 
ATOM   90  O O   . ASN A 1 12 ? -4.750  -2.603  -1.948  1.00 9.83  ? 12  ASN A O   1 
ATOM   91  C CB  . ASN A 1 12 ? -3.317  -1.719  -4.664  1.00 9.75  ? 12  ASN A CB  1 
ATOM   92  C CG  . ASN A 1 12 ? -3.868  -1.282  -6.026  1.00 11.92 ? 12  ASN A CG  1 
ATOM   93  O OD1 . ASN A 1 12 ? -5.080  -1.250  -6.128  1.00 11.97 ? 12  ASN A OD1 1 
ATOM   94  N ND2 . ASN A 1 12 ? -2.897  -1.024  -6.903  1.00 13.18 ? 12  ASN A ND2 1 
ATOM   95  N N   . LEU A 1 13 ? -2.774  -1.659  -1.432  1.00 6.07  ? 13  LEU A N   1 
ATOM   96  C CA  . LEU A 1 13 ? -2.648  -2.249  -0.116  1.00 4.86  ? 13  LEU A CA  1 
ATOM   97  C C   . LEU A 1 13 ? -3.816  -1.918  0.810   1.00 7.87  ? 13  LEU A C   1 
ATOM   98  O O   . LEU A 1 13 ? -4.481  -2.841  1.378   1.00 7.41  ? 13  LEU A O   1 
ATOM   99  C CB  . LEU A 1 13 ? -1.277  -1.864  0.478   1.00 6.48  ? 13  LEU A CB  1 
ATOM   100 C CG  . LEU A 1 13 ? -1.039  -2.381  1.870   1.00 6.16  ? 13  LEU A CG  1 
ATOM   101 C CD1 . LEU A 1 13 ? -1.034  -3.927  1.778   1.00 9.69  ? 13  LEU A CD1 1 
ATOM   102 C CD2 . LEU A 1 13 ? 0.286   -1.894  2.405   1.00 8.36  ? 13  LEU A CD2 1 
ATOM   103 N N   . LEU A 1 14 ? -4.071  -0.603  0.897   1.00 6.09  ? 14  LEU A N   1 
ATOM   104 C CA  . LEU A 1 14 ? -5.101  -0.185  1.855   1.00 9.07  ? 14  LEU A CA  1 
ATOM   105 C C   . LEU A 1 14 ? -6.539  -0.293  1.325   1.00 8.14  ? 14  LEU A C   1 
ATOM   106 O O   . LEU A 1 14 ? -7.423  -0.587  2.154   1.00 10.07 ? 14  LEU A O   1 
ATOM   107 C CB  . LEU A 1 14 ? -4.795  1.286   2.215   1.00 7.48  ? 14  LEU A CB  1 
ATOM   108 C CG  . LEU A 1 14 ? -3.996  1.693   3.412   1.00 11.22 ? 14  LEU A CG  1 
ATOM   109 C CD1 . LEU A 1 14 ? -3.662  0.580   4.392   1.00 10.84 ? 14  LEU A CD1 1 
ATOM   110 C CD2 . LEU A 1 14 ? -2.812  2.594   3.144   1.00 11.06 ? 14  LEU A CD2 1 
ATOM   111 N N   . LEU A 1 15 ? -6.722  -0.046  0.055   1.00 7.81  ? 15  LEU A N   1 
ATOM   112 C CA  . LEU A 1 15 ? -8.109  0.207   -0.444  1.00 9.98  ? 15  LEU A CA  1 
ATOM   113 C C   . LEU A 1 15 ? -8.443  -0.687  -1.643  1.00 10.04 ? 15  LEU A C   1 
ATOM   114 O O   . LEU A 1 15 ? -9.643  -0.650  -2.054  1.00 12.81 ? 15  LEU A O   1 
ATOM   115 C CB  . LEU A 1 15 ? -8.203  1.691   -0.754  1.00 11.68 ? 15  LEU A CB  1 
ATOM   116 C CG  . LEU A 1 15 ? -8.136  2.757   0.325   1.00 12.17 ? 15  LEU A CG  1 
ATOM   117 C CD1 . LEU A 1 15 ? -8.485  4.136   -0.192  1.00 14.28 ? 15  LEU A CD1 1 
ATOM   118 C CD2 . LEU A 1 15 ? -9.117  2.450   1.472   1.00 10.27 ? 15  LEU A CD2 1 
ATOM   119 N N   . GLY A 1 16 ? -7.433  -1.411  -2.101  1.00 10.31 ? 16  GLY A N   1 
ATOM   120 C CA  . GLY A 1 16 ? -7.785  -2.234  -3.319  1.00 7.68  ? 16  GLY A CA  1 
ATOM   121 C C   . GLY A 1 16 ? -7.868  -3.734  -2.975  1.00 9.94  ? 16  GLY A C   1 
ATOM   122 O O   . GLY A 1 16 ? -7.711  -4.114  -1.813  1.00 11.90 ? 16  GLY A O   1 
ATOM   123 N N   . THR A 1 17 ? -8.075  -4.506  -4.037  1.00 6.68  ? 17  THR A N   1 
ATOM   124 C CA  . THR A 1 17 ? -8.077  -5.955  -3.922  1.00 8.29  ? 17  THR A CA  1 
ATOM   125 C C   . THR A 1 17 ? -6.669  -6.512  -3.890  1.00 8.33  ? 17  THR A C   1 
ATOM   126 O O   . THR A 1 17 ? -5.705  -5.930  -4.409  1.00 8.24  ? 17  THR A O   1 
ATOM   127 C CB  . THR A 1 17 ? -8.835  -6.633  -5.110  1.00 8.49  ? 17  THR A CB  1 
ATOM   128 O OG1 . THR A 1 17 ? -8.126  -6.253  -6.338  1.00 7.73  ? 17  THR A OG1 1 
ATOM   129 C CG2 . THR A 1 17 ? -10.307 -6.304  -5.201  1.00 7.36  ? 17  THR A CG2 1 
ATOM   130 N N   . PRO A 1 18 ? -6.551  -7.690  -3.300  1.00 8.47  ? 18  PRO A N   1 
ATOM   131 C CA  . PRO A 1 18 ? -5.317  -8.491  -3.291  1.00 8.76  ? 18  PRO A CA  1 
ATOM   132 C C   . PRO A 1 18 ? -4.801  -8.632  -4.703  1.00 8.75  ? 18  PRO A C   1 
ATOM   133 O O   . PRO A 1 18 ? -3.596  -8.616  -4.945  1.00 9.08  ? 18  PRO A O   1 
ATOM   134 C CB  . PRO A 1 18 ? -5.755  -9.871  -2.777  1.00 7.34  ? 18  PRO A CB  1 
ATOM   135 C CG  . PRO A 1 18 ? -6.841  -9.503  -1.805  1.00 8.27  ? 18  PRO A CG  1 
ATOM   136 C CD  . PRO A 1 18 ? -7.566  -8.313  -2.417  1.00 8.37  ? 18  PRO A CD  1 
ATOM   137 N N   . SER A 1 19 ? -5.718  -8.811  -5.623  1.00 8.33  ? 19  SER A N   1 
ATOM   138 C CA  . SER A 1 19 ? -5.466  -8.846  -7.056  1.00 9.87  ? 19  SER A CA  1 
ATOM   139 C C   . SER A 1 19 ? -4.670  -7.670  -7.601  1.00 9.86  ? 19  SER A C   1 
ATOM   140 O O   . SER A 1 19 ? -3.599  -7.807  -8.236  1.00 8.75  ? 19  SER A O   1 
ATOM   141 C CB  . SER A 1 19 ? -6.824  -8.927  -7.748  1.00 10.93 ? 19  SER A CB  1 
ATOM   142 O OG  . SER A 1 19 ? -7.268  -10.263 -7.680  1.00 13.32 ? 19  SER A OG  1 
ATOM   143 N N   . SER A 1 20 ? -5.253  -6.499  -7.352  1.00 7.98  ? 20  SER A N   1 
ATOM   144 C CA  . SER A 1 20 ? -4.573  -5.255  -7.852  1.00 8.54  ? 20  SER A CA  1 
ATOM   145 C C   . SER A 1 20 ? -3.293  -4.955  -7.101  1.00 7.91  ? 20  SER A C   1 
ATOM   146 O O   . SER A 1 20 ? -2.345  -4.469  -7.714  1.00 8.29  ? 20  SER A O   1 
ATOM   147 C CB  . SER A 1 20 ? -5.547  -4.108  -7.812  1.00 9.23  ? 20  SER A CB  1 
ATOM   148 O OG  . SER A 1 20 ? -6.771  -4.501  -8.439  1.00 10.21 ? 20  SER A OG  1 
ATOM   149 N N   . TYR A 1 21 ? -3.281  -5.274  -5.814  1.00 6.14  ? 21  TYR A N   1 
ATOM   150 C CA  . TYR A 1 21 ? -2.042  -5.097  -5.032  1.00 7.93  ? 21  TYR A CA  1 
ATOM   151 C C   . TYR A 1 21 ? -0.970  -5.954  -5.710  1.00 7.61  ? 21  TYR A C   1 
ATOM   152 O O   . TYR A 1 21 ? 0.161   -5.555  -5.876  1.00 8.56  ? 21  TYR A O   1 
ATOM   153 C CB  . TYR A 1 21 ? -2.283  -5.448  -3.571  1.00 7.55  ? 21  TYR A CB  1 
ATOM   154 C CG  . TYR A 1 21 ? -1.107  -5.575  -2.641  1.00 7.60  ? 21  TYR A CG  1 
ATOM   155 C CD1 . TYR A 1 21 ? -0.295  -4.477  -2.357  1.00 9.03  ? 21  TYR A CD1 1 
ATOM   156 C CD2 . TYR A 1 21 ? -0.810  -6.792  -2.014  1.00 8.75  ? 21  TYR A CD2 1 
ATOM   157 C CE1 . TYR A 1 21 ? 0.791   -4.578  -1.488  1.00 8.26  ? 21  TYR A CE1 1 
ATOM   158 C CE2 . TYR A 1 21 ? 0.288   -6.922  -1.158  1.00 9.70  ? 21  TYR A CE2 1 
ATOM   159 C CZ  . TYR A 1 21 ? 1.066   -5.804  -0.891  1.00 8.55  ? 21  TYR A CZ  1 
ATOM   160 O OH  . TYR A 1 21 ? 2.120   -5.915  -0.052  1.00 11.06 ? 21  TYR A OH  1 
ATOM   161 N N   . GLU A 1 22 ? -1.403  -7.167  -6.046  1.00 9.02  ? 22  GLU A N   1 
ATOM   162 C CA  . GLU A 1 22 ? -0.460  -8.171  -6.549  1.00 12.29 ? 22  GLU A CA  1 
ATOM   163 C C   . GLU A 1 22 ? 0.171   -7.626  -7.825  1.00 11.55 ? 22  GLU A C   1 
ATOM   164 O O   . GLU A 1 22 ? 1.404   -7.665  -7.907  1.00 11.97 ? 22  GLU A O   1 
ATOM   165 C CB  . GLU A 1 22 ? -0.967  -9.580  -6.778  1.00 13.79 ? 22  GLU A CB  1 
ATOM   166 C CG  . GLU A 1 22 ? 0.085   -10.456 -7.434  1.00 14.84 ? 22  GLU A CG  1 
ATOM   167 C CD  . GLU A 1 22 ? -0.347  -11.654 -8.194  1.00 16.40 ? 22  GLU A CD  1 
ATOM   168 O OE1 . GLU A 1 22 ? 0.201   -12.737 -8.100  1.00 17.07 ? 22  GLU A OE1 1 
ATOM   169 O OE2 . GLU A 1 22 ? -1.315  -11.402 -8.930  1.00 17.98 ? 22  GLU A OE2 1 
ATOM   170 N N   . THR A 1 23 ? -0.613  -7.146  -8.765  1.00 12.15 ? 23  THR A N   1 
ATOM   171 C CA  . THR A 1 23 ? -0.129  -6.563  -10.026 1.00 13.23 ? 23  THR A CA  1 
ATOM   172 C C   . THR A 1 23 ? 0.831   -5.403  -9.808  1.00 12.67 ? 23  THR A C   1 
ATOM   173 O O   . THR A 1 23 ? 1.825   -5.135  -10.522 1.00 13.27 ? 23  THR A O   1 
ATOM   174 C CB  . THR A 1 23 ? -1.331  -5.942  -10.868 1.00 14.71 ? 23  THR A CB  1 
ATOM   175 O OG1 . THR A 1 23 ? -1.836  -4.873  -9.999  1.00 17.66 ? 23  THR A OG1 1 
ATOM   176 C CG2 . THR A 1 23 ? -2.442  -6.932  -11.191 1.00 13.97 ? 23  THR A CG2 1 
ATOM   177 N N   . SER A 1 24 ? 0.471   -4.611  -8.821  1.00 11.66 ? 24  SER A N   1 
ATOM   178 C CA  . SER A 1 24 ? 1.239   -3.421  -8.421  1.00 14.67 ? 24  SER A CA  1 
ATOM   179 C C   . SER A 1 24 ? 2.657   -3.772  -8.002  1.00 13.12 ? 24  SER A C   1 
ATOM   180 O O   . SER A 1 24 ? 3.666   -3.166  -8.410  1.00 14.50 ? 24  SER A O   1 
ATOM   181 C CB  . SER A 1 24 ? 0.409   -2.660  -7.403  1.00 15.72 ? 24  SER A CB  1 
ATOM   182 O OG  . SER A 1 24 ? -0.516  -1.804  -8.087  1.00 19.42 ? 24  SER A OG  1 
ATOM   183 N N   . LEU A 1 25 ? 2.740   -4.813  -7.174  1.00 14.55 ? 25  LEU A N   1 
ATOM   184 C CA  . LEU A 1 25 ? 4.006   -5.321  -6.639  1.00 14.65 ? 25  LEU A CA  1 
ATOM   185 C C   . LEU A 1 25 ? 4.945   -5.852  -7.714  1.00 14.06 ? 25  LEU A C   1 
ATOM   186 O O   . LEU A 1 25 ? 6.192   -5.676  -7.683  1.00 15.43 ? 25  LEU A O   1 
ATOM   187 C CB  . LEU A 1 25 ? 3.509   -6.325  -5.583  1.00 15.92 ? 25  LEU A CB  1 
ATOM   188 C CG  . LEU A 1 25 ? 4.232   -6.490  -4.269  1.00 17.60 ? 25  LEU A CG  1 
ATOM   189 C CD1 . LEU A 1 25 ? 4.714   -5.146  -3.719  1.00 18.15 ? 25  LEU A CD1 1 
ATOM   190 C CD2 . LEU A 1 25 ? 3.264   -7.146  -3.260  1.00 18.60 ? 25  LEU A CD2 1 
ATOM   191 N N   . LYS A 1 26 ? 4.380   -6.538  -8.673  1.00 14.52 ? 26  LYS A N   1 
ATOM   192 C CA  . LYS A 1 26 ? 5.140   -7.279  -9.697  1.00 15.46 ? 26  LYS A CA  1 
ATOM   193 C C   . LYS A 1 26 ? 6.005   -6.284  -10.453 1.00 14.71 ? 26  LYS A C   1 
ATOM   194 O O   . LYS A 1 26 ? 7.051   -6.735  -10.956 1.00 15.01 ? 26  LYS A O   1 
ATOM   195 C CB  . LYS A 1 26 ? 4.215   -8.115  -10.555 1.00 16.57 ? 26  LYS A CB  1 
ATOM   196 C CG  . LYS A 1 26 ? 3.343   -7.355  -11.554 1.00 18.69 ? 26  LYS A CG  1 
ATOM   197 C CD  . LYS A 1 26 ? 4.059   -6.968  -12.834 1.00 20.10 ? 26  LYS A CD  1 
ATOM   198 C CE  . LYS A 1 26 ? 3.136   -6.314  -13.837 1.00 21.13 ? 26  LYS A CE  1 
ATOM   199 N NZ  . LYS A 1 26 ? 2.215   -7.282  -14.481 1.00 20.10 ? 26  LYS A NZ  1 
ATOM   200 N N   . GLU A 1 27 ? 5.615   -5.010  -10.475 1.00 14.74 ? 27  GLU A N   1 
ATOM   201 C CA  . GLU A 1 27 ? 6.464   -4.031  -11.188 1.00 16.99 ? 27  GLU A CA  1 
ATOM   202 C C   . GLU A 1 27 ? 7.913   -4.084  -10.696 1.00 16.08 ? 27  GLU A C   1 
ATOM   203 O O   . GLU A 1 27 ? 8.888   -4.033  -11.474 1.00 14.77 ? 27  GLU A O   1 
ATOM   204 C CB  . GLU A 1 27 ? 6.037   -2.565  -11.134 1.00 18.02 ? 27  GLU A CB  1 
ATOM   205 C CG  . GLU A 1 27 ? 6.544   -1.628  -12.244 1.00 21.79 ? 27  GLU A CG  1 
ATOM   206 C CD  . GLU A 1 27 ? 5.589   -1.381  -13.381 1.00 23.21 ? 27  GLU A CD  1 
ATOM   207 O OE1 . GLU A 1 27 ? 4.714   -0.536  -13.297 1.00 24.48 ? 27  GLU A OE1 1 
ATOM   208 O OE2 . GLU A 1 27 ? 5.744   -2.099  -14.397 1.00 25.11 ? 27  GLU A OE2 1 
ATOM   209 N N   . PHE A 1 28 ? 8.004   -4.224  -9.371  1.00 15.46 ? 28  PHE A N   1 
ATOM   210 C CA  . PHE A 1 28 ? 9.302   -4.230  -8.683  1.00 14.11 ? 28  PHE A CA  1 
ATOM   211 C C   . PHE A 1 28 ? 10.064  -5.554  -8.618  1.00 15.15 ? 28  PHE A C   1 
ATOM   212 O O   . PHE A 1 28 ? 11.066  -5.710  -7.871  1.00 14.84 ? 28  PHE A O   1 
ATOM   213 C CB  . PHE A 1 28 ? 9.123   -3.657  -7.272  1.00 13.40 ? 28  PHE A CB  1 
ATOM   214 C CG  . PHE A 1 28 ? 8.584   -2.255  -7.340  1.00 12.03 ? 28  PHE A CG  1 
ATOM   215 C CD1 . PHE A 1 28 ? 9.425   -1.204  -7.652  1.00 11.78 ? 28  PHE A CD1 1 
ATOM   216 C CD2 . PHE A 1 28 ? 7.240   -1.991  -7.061  1.00 12.17 ? 28  PHE A CD2 1 
ATOM   217 C CE1 . PHE A 1 28 ? 8.971   0.088   -7.739  1.00 11.98 ? 28  PHE A CE1 1 
ATOM   218 C CE2 . PHE A 1 28 ? 6.742   -0.701  -7.131  1.00 10.66 ? 28  PHE A CE2 1 
ATOM   219 C CZ  . PHE A 1 28 ? 7.623   0.353   -7.465  1.00 13.01 ? 28  PHE A CZ  1 
ATOM   220 N N   . GLU A 1 29 ? 9.588   -6.510  -9.374  1.00 14.78 ? 29  GLU A N   1 
ATOM   221 C CA  . GLU A 1 29 ? 10.221  -7.833  -9.444  1.00 15.68 ? 29  GLU A CA  1 
ATOM   222 C C   . GLU A 1 29 ? 10.683  -8.360  -8.088  1.00 14.95 ? 29  GLU A C   1 
ATOM   223 O O   . GLU A 1 29 ? 11.864  -8.715  -7.887  1.00 13.85 ? 29  GLU A O   1 
ATOM   224 C CB  . GLU A 1 29 ? 11.477  -7.639  -10.335 1.00 16.65 ? 29  GLU A CB  1 
ATOM   225 C CG  . GLU A 1 29 ? 11.207  -6.869  -11.660 1.00 18.72 ? 29  GLU A CG  1 
ATOM   226 C CD  . GLU A 1 29 ? 11.848  -7.649  -12.787 1.00 19.94 ? 29  GLU A CD  1 
ATOM   227 O OE1 . GLU A 1 29 ? 13.051  -7.877  -12.815 1.00 23.24 ? 29  GLU A OE1 1 
ATOM   228 O OE2 . GLU A 1 29 ? 10.990  -8.074  -13.577 1.00 22.23 ? 29  GLU A OE2 1 
ATOM   229 N N   . PRO A 1 30 ? 9.734   -8.428  -7.142  1.00 13.31 ? 30  PRO A N   1 
ATOM   230 C CA  . PRO A 1 30 ? 9.962   -9.065  -5.848  1.00 13.62 ? 30  PRO A CA  1 
ATOM   231 C C   . PRO A 1 30 ? 10.227  -10.566 -5.993  1.00 10.76 ? 30  PRO A C   1 
ATOM   232 O O   . PRO A 1 30 ? 9.622   -11.194 -6.868  1.00 11.32 ? 30  PRO A O   1 
ATOM   233 C CB  . PRO A 1 30 ? 8.652   -8.829  -5.083  1.00 15.02 ? 30  PRO A CB  1 
ATOM   234 C CG  . PRO A 1 30 ? 7.598   -8.728  -6.135  1.00 14.88 ? 30  PRO A CG  1 
ATOM   235 C CD  . PRO A 1 30 ? 8.290   -8.238  -7.400  1.00 14.86 ? 30  PRO A CD  1 
ATOM   236 N N   . ASP A 1 31 ? 11.131  -11.077 -5.164  1.00 10.40 ? 31  ASP A N   1 
ATOM   237 C CA  . ASP A 1 31 ? 11.355  -12.533 -5.106  1.00 9.02  ? 31  ASP A CA  1 
ATOM   238 C C   . ASP A 1 31 ? 10.168  -13.190 -4.374  1.00 8.09  ? 31  ASP A C   1 
ATOM   239 O O   . ASP A 1 31 ? 9.255   -12.458 -3.963  1.00 7.42  ? 31  ASP A O   1 
ATOM   240 C CB  . ASP A 1 31 ? 12.696  -12.922 -4.506  1.00 7.17  ? 31  ASP A CB  1 
ATOM   241 C CG  . ASP A 1 31 ? 12.930  -12.595 -3.055  1.00 7.64  ? 31  ASP A CG  1 
ATOM   242 O OD1 . ASP A 1 31 ? 11.870  -12.432 -2.408  1.00 8.12  ? 31  ASP A OD1 1 
ATOM   243 O OD2 . ASP A 1 31 ? 14.097  -12.462 -2.601  1.00 5.91  ? 31  ASP A OD2 1 
ATOM   244 N N   . ASP A 1 32 ? 10.194  -14.521 -4.303  1.00 11.15 ? 32  ASP A N   1 
ATOM   245 C CA  . ASP A 1 32 ? 8.986   -15.231 -3.847  1.00 10.62 ? 32  ASP A CA  1 
ATOM   246 C C   . ASP A 1 32 ? 8.788   -14.922 -2.366  1.00 9.22  ? 32  ASP A C   1 
ATOM   247 O O   . ASP A 1 32 ? 7.634   -14.762 -1.944  1.00 9.59  ? 32  ASP A O   1 
ATOM   248 C CB  . ASP A 1 32 ? 8.921   -16.708 -4.232  1.00 15.53 ? 32  ASP A CB  1 
ATOM   249 C CG  . ASP A 1 32 ? 8.701   -16.872 -5.742  1.00 17.65 ? 32  ASP A CG  1 
ATOM   250 O OD1 . ASP A 1 32 ? 9.120   -17.895 -6.300  1.00 20.52 ? 32  ASP A OD1 1 
ATOM   251 O OD2 . ASP A 1 32 ? 8.097   -15.980 -6.379  1.00 20.24 ? 32  ASP A OD2 1 
ATOM   252 N N   . THR A 1 33 ? 9.902   -14.901 -1.644  1.00 9.00  ? 33  THR A N   1 
ATOM   253 C CA  . THR A 1 33 ? 9.861   -14.552 -0.208  1.00 6.74  ? 33  THR A CA  1 
ATOM   254 C C   . THR A 1 33 ? 9.257   -13.201 0.082   1.00 9.18  ? 33  THR A C   1 
ATOM   255 O O   . THR A 1 33 ? 8.448   -13.023 1.044   1.00 4.97  ? 33  THR A O   1 
ATOM   256 C CB  . THR A 1 33 ? 11.297  -14.745 0.392   1.00 6.46  ? 33  THR A CB  1 
ATOM   257 O OG1 . THR A 1 33 ? 11.663  -16.141 0.173   1.00 7.82  ? 33  THR A OG1 1 
ATOM   258 C CG2 . THR A 1 33 ? 11.419  -14.365 1.874   1.00 7.56  ? 33  THR A CG2 1 
ATOM   259 N N   . MET A 1 34 ? 9.666   -12.190 -0.669  1.00 6.62  ? 34  MET A N   1 
ATOM   260 C CA  . MET A 1 34 ? 9.225   -10.787 -0.415  1.00 7.01  ? 34  MET A CA  1 
ATOM   261 C C   . MET A 1 34 ? 7.739   -10.687 -0.792  1.00 7.74  ? 34  MET A C   1 
ATOM   262 O O   . MET A 1 34 ? 6.914   -10.017 -0.168  1.00 7.97  ? 34  MET A O   1 
ATOM   263 C CB  . MET A 1 34 ? 10.100  -9.847  -1.188  1.00 7.07  ? 34  MET A CB  1 
ATOM   264 C CG  . MET A 1 34 ? 11.487  -9.654  -0.700  1.00 8.32  ? 34  MET A CG  1 
ATOM   265 S SD  . MET A 1 34 ? 12.124  -8.468  -1.977  1.00 9.05  ? 34  MET A SD  1 
ATOM   266 C CE  . MET A 1 34 ? 13.616  -7.892  -1.178  1.00 7.30  ? 34  MET A CE  1 
ATOM   267 N N   . LYS A 1 35 ? 7.356   -11.370 -1.873  1.00 7.90  ? 35  LYS A N   1 
ATOM   268 C CA  . LYS A 1 35 ? 6.003   -11.389 -2.405  1.00 9.53  ? 35  LYS A CA  1 
ATOM   269 C C   . LYS A 1 35 ? 5.116   -12.064 -1.331  1.00 10.36 ? 35  LYS A C   1 
ATOM   270 O O   . LYS A 1 35 ? 4.065   -11.529 -1.044  1.00 14.55 ? 35  LYS A O   1 
ATOM   271 C CB  . LYS A 1 35 ? 5.831   -12.157 -3.711  1.00 9.97  ? 35  LYS A CB  1 
ATOM   272 C CG  . LYS A 1 35 ? 4.569   -11.731 -4.477  1.00 13.30 ? 35  LYS A CG  1 
ATOM   273 C CD  . LYS A 1 35 ? 4.168   -12.849 -5.466  1.00 13.15 ? 35  LYS A CD  1 
ATOM   274 C CE  . LYS A 1 35 ? 2.747   -12.615 -5.934  1.00 14.77 ? 35  LYS A CE  1 
ATOM   275 N NZ  . LYS A 1 35 ? 2.475   -13.461 -7.134  1.00 18.01 ? 35  LYS A NZ  1 
ATOM   276 N N   . ASP A 1 36 ? 5.604   -13.168 -0.788  1.00 9.35  ? 36  ASP A N   1 
ATOM   277 C CA  . ASP A 1 36 ? 4.815   -13.873 0.246   1.00 8.39  ? 36  ASP A CA  1 
ATOM   278 C C   . ASP A 1 36 ? 4.621   -12.984 1.462   1.00 8.17  ? 36  ASP A C   1 
ATOM   279 O O   . ASP A 1 36 ? 3.508   -12.921 2.045   1.00 7.89  ? 36  ASP A O   1 
ATOM   280 C CB  . ASP A 1 36 ? 5.409   -15.233 0.561   1.00 10.29 ? 36  ASP A CB  1 
ATOM   281 C CG  . ASP A 1 36 ? 4.530   -16.037 1.518   1.00 13.05 ? 36  ASP A CG  1 
ATOM   282 O OD1 . ASP A 1 36 ? 3.550   -16.644 1.069   1.00 13.21 ? 36  ASP A OD1 1 
ATOM   283 O OD2 . ASP A 1 36 ? 4.842   -15.987 2.711   1.00 14.28 ? 36  ASP A OD2 1 
ATOM   284 N N   . ALA A 1 37 ? 5.722   -12.300 1.854   1.00 8.00  ? 37  ALA A N   1 
ATOM   285 C CA  . ALA A 1 37 ? 5.621   -11.433 3.049   1.00 8.39  ? 37  ALA A CA  1 
ATOM   286 C C   . ALA A 1 37 ? 4.588   -10.341 2.827   1.00 8.89  ? 37  ALA A C   1 
ATOM   287 O O   . ALA A 1 37 ? 3.757   -9.984  3.693   1.00 7.88  ? 37  ALA A O   1 
ATOM   288 C CB  . ALA A 1 37 ? 7.038   -10.936 3.433   1.00 6.92  ? 37  ALA A CB  1 
ATOM   289 N N   . GLY A 1 38 ? 4.565   -9.832  1.604   1.00 8.28  ? 38  GLY A N   1 
ATOM   290 C CA  . GLY A 1 38 ? 3.713   -8.674  1.223   1.00 7.32  ? 38  GLY A CA  1 
ATOM   291 C C   . GLY A 1 38 ? 2.256   -9.149  1.217   1.00 6.78  ? 38  GLY A C   1 
ATOM   292 O O   . GLY A 1 38 ? 1.411   -8.321  1.522   1.00 5.14  ? 38  GLY A O   1 
ATOM   293 N N   . MET A 1 39 ? 2.005   -10.392 0.791   1.00 8.19  ? 39  MET A N   1 
ATOM   294 C CA  . MET A 1 39 ? 0.619   -10.889 0.778   1.00 8.27  ? 39  MET A CA  1 
ATOM   295 C C   . MET A 1 39 ? 0.153   -11.173 2.210   1.00 7.58  ? 39  MET A C   1 
ATOM   296 O O   . MET A 1 39 ? -1.033  -11.074 2.531   1.00 6.06  ? 39  MET A O   1 
ATOM   297 C CB  . MET A 1 39 ? 0.523   -12.058 -0.210  1.00 8.78  ? 39  MET A CB  1 
ATOM   298 C CG  . MET A 1 39 ? 0.969   -11.656 -1.617  1.00 12.12 ? 39  MET A CG  1 
ATOM   299 S SD  . MET A 1 39 ? -0.272  -10.590 -2.397  1.00 16.38 ? 39  MET A SD  1 
ATOM   300 C CE  . MET A 1 39 ? 0.569   -9.656  -3.666  1.00 16.82 ? 39  MET A CE  1 
ATOM   301 N N   . GLN A 1 40 ? 1.132   -11.529 3.051   1.00 6.23  ? 40  GLN A N   1 
ATOM   302 C CA  . GLN A 1 40 ? 0.738   -11.799 4.473   1.00 7.52  ? 40  GLN A CA  1 
ATOM   303 C C   . GLN A 1 40 ? 0.281   -10.437 5.009   1.00 9.05  ? 40  GLN A C   1 
ATOM   304 O O   . GLN A 1 40 ? -0.766  -10.380 5.667   1.00 7.13  ? 40  GLN A O   1 
ATOM   305 C CB  . GLN A 1 40 ? 1.633   -12.548 5.406   1.00 7.91  ? 40  GLN A CB  1 
ATOM   306 C CG  . GLN A 1 40 ? 2.308   -13.803 4.869   1.00 8.55  ? 40  GLN A CG  1 
ATOM   307 C CD  . GLN A 1 40 ? 3.461   -14.206 5.778   1.00 11.20 ? 40  GLN A CD  1 
ATOM   308 O OE1 . GLN A 1 40 ? 4.487   -14.625 5.225   1.00 12.25 ? 40  GLN A OE1 1 
ATOM   309 N NE2 . GLN A 1 40 ? 3.200   -14.127 7.086   1.00 10.40 ? 40  GLN A NE2 1 
ATOM   310 N N   . MET A 1 41 ? 1.051   -9.381  4.682   1.00 8.75  ? 41  MET A N   1 
ATOM   311 C CA  . MET A 1 41 ? 0.611   -8.020  5.117   1.00 9.22  ? 41  MET A CA  1 
ATOM   312 C C   . MET A 1 41 ? -0.801  -7.651  4.660   1.00 9.49  ? 41  MET A C   1 
ATOM   313 O O   . MET A 1 41 ? -1.596  -7.044  5.424   1.00 7.49  ? 41  MET A O   1 
ATOM   314 C CB  . MET A 1 41 ? 1.615   -6.989  4.623   1.00 11.81 ? 41  MET A CB  1 
ATOM   315 C CG  . MET A 1 41 ? 1.098   -5.595  4.884   1.00 11.41 ? 41  MET A CG  1 
ATOM   316 S SD  . MET A 1 41 ? 2.508   -4.413  4.905   1.00 11.62 ? 41  MET A SD  1 
ATOM   317 C CE  . MET A 1 41 ? 3.182   -4.728  3.278   1.00 11.14 ? 41  MET A CE  1 
ATOM   318 N N   . LYS A 1 42 ? -1.094  -7.899  3.408   1.00 8.88  ? 42  LYS A N   1 
ATOM   319 C CA  . LYS A 1 42 ? -2.391  -7.558  2.802   1.00 6.00  ? 42  LYS A CA  1 
ATOM   320 C C   . LYS A 1 42 ? -3.520  -8.247  3.562   1.00 6.88  ? 42  LYS A C   1 
ATOM   321 O O   . LYS A 1 42 ? -4.581  -7.628  3.818   1.00 7.23  ? 42  LYS A O   1 
ATOM   322 C CB  . LYS A 1 42 ? -2.503  -7.941  1.344   1.00 6.33  ? 42  LYS A CB  1 
ATOM   323 C CG  . LYS A 1 42 ? -3.592  -7.473  0.407   1.00 7.54  ? 42  LYS A CG  1 
ATOM   324 C CD  . LYS A 1 42 ? -3.911  -6.002  0.407   1.00 7.93  ? 42  LYS A CD  1 
ATOM   325 C CE  . LYS A 1 42 ? -5.268  -5.755  -0.237  1.00 8.14  ? 42  LYS A CE  1 
ATOM   326 N NZ  . LYS A 1 42 ? -6.004  -4.603  0.359   1.00 8.06  ? 42  LYS A NZ  1 
ATOM   327 N N   . LYS A 1 43 ? -3.256  -9.531  3.847   1.00 7.00  ? 43  LYS A N   1 
ATOM   328 C CA  . LYS A 1 43 ? -4.333  -10.394 4.392   1.00 9.15  ? 43  LYS A CA  1 
ATOM   329 C C   . LYS A 1 43 ? -4.723  -9.775  5.744   1.00 8.09  ? 43  LYS A C   1 
ATOM   330 O O   . LYS A 1 43 ? -5.942  -9.733  6.015   1.00 9.72  ? 43  LYS A O   1 
ATOM   331 C CB  . LYS A 1 43 ? -3.897  -11.825 4.593   1.00 10.09 ? 43  LYS A CB  1 
ATOM   332 C CG  . LYS A 1 43 ? -4.667  -12.784 5.504   1.00 12.55 ? 43  LYS A CG  1 
ATOM   333 C CD  . LYS A 1 43 ? -3.756  -13.983 5.851   1.00 13.77 ? 43  LYS A CD  1 
ATOM   334 C CE  . LYS A 1 43 ? -2.702  -13.613 6.880   1.00 15.71 ? 43  LYS A CE  1 
ATOM   335 N NZ  . LYS A 1 43 ? -1.327  -13.872 6.332   1.00 18.99 ? 43  LYS A NZ  1 
ATOM   336 N N   . VAL A 1 44 ? -3.754  -9.359  6.525   1.00 7.74  ? 44  VAL A N   1 
ATOM   337 C CA  . VAL A 1 44 ? -4.012  -8.873  7.879   1.00 8.64  ? 44  VAL A CA  1 
ATOM   338 C C   . VAL A 1 44 ? -4.578  -7.459  7.739   1.00 7.07  ? 44  VAL A C   1 
ATOM   339 O O   . VAL A 1 44 ? -5.456  -7.149  8.557   1.00 8.54  ? 44  VAL A O   1 
ATOM   340 C CB  . VAL A 1 44 ? -2.871  -9.004  8.884   1.00 7.99  ? 44  VAL A CB  1 
ATOM   341 C CG1 . VAL A 1 44 ? -2.398  -10.408 9.228   1.00 11.15 ? 44  VAL A CG1 1 
ATOM   342 C CG2 . VAL A 1 44 ? -1.694  -8.139  8.432   1.00 8.05  ? 44  VAL A CG2 1 
ATOM   343 N N   . LEU A 1 45 ? -4.121  -6.615  6.803   1.00 7.07  ? 45  LEU A N   1 
ATOM   344 C CA  . LEU A 1 45 ? -4.658  -5.257  6.741   1.00 9.04  ? 45  LEU A CA  1 
ATOM   345 C C   . LEU A 1 45 ? -6.138  -5.347  6.366   1.00 8.59  ? 45  LEU A C   1 
ATOM   346 O O   . LEU A 1 45 ? -6.961  -4.541  6.826   1.00 7.40  ? 45  LEU A O   1 
ATOM   347 C CB  . LEU A 1 45 ? -3.920  -4.350  5.763   1.00 11.38 ? 45  LEU A CB  1 
ATOM   348 C CG  . LEU A 1 45 ? -2.576  -3.810  6.208   1.00 13.31 ? 45  LEU A CG  1 
ATOM   349 C CD1 . LEU A 1 45 ? -2.287  -2.585  5.344   1.00 14.62 ? 45  LEU A CD1 1 
ATOM   350 C CD2 . LEU A 1 45 ? -2.571  -3.485  7.690   1.00 12.42 ? 45  LEU A CD2 1 
ATOM   351 N N   . ASP A 1 46 ? -6.407  -6.331  5.529   1.00 7.72  ? 46  ASP A N   1 
ATOM   352 C CA  . ASP A 1 46 ? -7.800  -6.530  5.076   1.00 9.50  ? 46  ASP A CA  1 
ATOM   353 C C   . ASP A 1 46 ? -8.763  -6.846  6.225   1.00 10.30 ? 46  ASP A C   1 
ATOM   354 O O   . ASP A 1 46 ? -9.969  -6.772  5.947   1.00 10.85 ? 46  ASP A O   1 
ATOM   355 C CB  . ASP A 1 46 ? -7.939  -7.469  3.888   1.00 8.52  ? 46  ASP A CB  1 
ATOM   356 C CG  . ASP A 1 46 ? -7.457  -6.912  2.561   1.00 11.18 ? 46  ASP A CG  1 
ATOM   357 O OD1 . ASP A 1 46 ? -7.348  -7.619  1.539   1.00 14.64 ? 46  ASP A OD1 1 
ATOM   358 O OD2 . ASP A 1 46 ? -7.202  -5.681  2.514   1.00 12.79 ? 46  ASP A OD2 1 
ATOM   359 N N   . SER A 1 47 ? -8.230  -7.168  7.394   1.00 11.00 ? 47  SER A N   1 
ATOM   360 C CA  . SER A 1 47 ? -9.090  -7.425  8.572   1.00 12.84 ? 47  SER A CA  1 
ATOM   361 C C   . SER A 1 47 ? -9.680  -6.151  9.172   1.00 12.89 ? 47  SER A C   1 
ATOM   362 O O   . SER A 1 47 ? -10.697 -6.111  9.913   1.00 14.85 ? 47  SER A O   1 
ATOM   363 C CB  . SER A 1 47 ? -8.405  -8.304  9.608   1.00 13.86 ? 47  SER A CB  1 
ATOM   364 O OG  . SER A 1 47 ? -7.391  -7.661  10.354  1.00 15.90 ? 47  SER A OG  1 
ATOM   365 N N   . LEU A 1 48 ? -9.054  -5.039  8.894   1.00 12.01 ? 48  LEU A N   1 
ATOM   366 C CA  . LEU A 1 48 ? -9.427  -3.717  9.376   1.00 12.70 ? 48  LEU A CA  1 
ATOM   367 C C   . LEU A 1 48 ? -10.649 -3.241  8.581   1.00 11.25 ? 48  LEU A C   1 
ATOM   368 O O   . LEU A 1 48 ? -10.727 -3.520  7.383   1.00 11.22 ? 48  LEU A O   1 
ATOM   369 C CB  . LEU A 1 48 ? -8.260  -2.737  9.176   1.00 13.14 ? 48  LEU A CB  1 
ATOM   370 C CG  . LEU A 1 48 ? -7.081  -2.560  10.092  1.00 14.47 ? 48  LEU A CG  1 
ATOM   371 C CD1 . LEU A 1 48 ? -7.287  -3.168  11.481  1.00 16.28 ? 48  LEU A CD1 1 
ATOM   372 C CD2 . LEU A 1 48 ? -5.833  -2.940  9.338   1.00 15.61 ? 48  LEU A CD2 1 
ATOM   373 N N   . PRO A 1 49 ? -11.505 -2.509  9.266   1.00 12.18 ? 49  PRO A N   1 
ATOM   374 C CA  . PRO A 1 49 ? -12.684 -1.879  8.682   1.00 12.51 ? 49  PRO A CA  1 
ATOM   375 C C   . PRO A 1 49 ? -12.245 -0.918  7.570   1.00 12.19 ? 49  PRO A C   1 
ATOM   376 O O   . PRO A 1 49 ? -11.137 -0.360  7.619   1.00 11.38 ? 49  PRO A O   1 
ATOM   377 C CB  . PRO A 1 49 ? -13.381 -1.137  9.830   1.00 12.99 ? 49  PRO A CB  1 
ATOM   378 C CG  . PRO A 1 49 ? -12.816 -1.738  11.085  1.00 12.59 ? 49  PRO A CG  1 
ATOM   379 C CD  . PRO A 1 49 ? -11.433 -2.271  10.726  1.00 12.40 ? 49  PRO A CD  1 
ATOM   380 N N   . GLN A 1 50 ? -13.131 -0.725  6.618   1.00 12.07 ? 50  GLN A N   1 
ATOM   381 C CA  . GLN A 1 50 ? -13.006 0.193   5.506   1.00 12.57 ? 50  GLN A CA  1 
ATOM   382 C C   . GLN A 1 50 ? -12.629 1.607   5.929   1.00 12.31 ? 50  GLN A C   1 
ATOM   383 O O   . GLN A 1 50 ? -11.706 2.183   5.325   1.00 12.34 ? 50  GLN A O   1 
ATOM   384 C CB  . GLN A 1 50 ? -14.272 0.260   4.643   1.00 13.19 ? 50  GLN A CB  1 
ATOM   385 C CG  . GLN A 1 50 ? -14.001 1.009   3.340   1.00 17.01 ? 50  GLN A CG  1 
ATOM   386 C CD  . GLN A 1 50 ? -15.146 1.000   2.359   1.00 19.47 ? 50  GLN A CD  1 
ATOM   387 O OE1 . GLN A 1 50 ? -15.192 0.142   1.469   1.00 20.87 ? 50  GLN A OE1 1 
ATOM   388 N NE2 . GLN A 1 50 ? -16.048 1.976   2.542   1.00 20.95 ? 50  GLN A NE2 1 
ATOM   389 N N   . THR A 1 51 ? -13.350 2.140   6.881   1.00 11.58 ? 51  THR A N   1 
ATOM   390 C CA  . THR A 1 51 ? -13.184 3.468   7.438   1.00 12.30 ? 51  THR A CA  1 
ATOM   391 C C   . THR A 1 51 ? -11.755 3.677   7.944   1.00 9.66  ? 51  THR A C   1 
ATOM   392 O O   . THR A 1 51 ? -11.130 4.754   7.735   1.00 9.24  ? 51  THR A O   1 
ATOM   393 C CB  . THR A 1 51 ? -14.229 3.559   8.643   1.00 14.64 ? 51  THR A CB  1 
ATOM   394 O OG1 . THR A 1 51 ? -15.541 3.609   7.970   1.00 18.80 ? 51  THR A OG1 1 
ATOM   395 C CG2 . THR A 1 51 ? -14.049 4.636   9.719   1.00 15.80 ? 51  THR A CG2 1 
ATOM   396 N N   . THR A 1 52 ? -11.283 2.658   8.618   1.00 8.10  ? 52  THR A N   1 
ATOM   397 C CA  . THR A 1 52 ? -9.932  2.626   9.201   1.00 7.61  ? 52  THR A CA  1 
ATOM   398 C C   . THR A 1 52 ? -8.906  2.717   8.087   1.00 6.38  ? 52  THR A C   1 
ATOM   399 O O   . THR A 1 52 ? -7.980  3.536   8.252   1.00 6.27  ? 52  THR A O   1 
ATOM   400 C CB  . THR A 1 52 ? -9.580  1.451   10.182  1.00 7.89  ? 52  THR A CB  1 
ATOM   401 O OG1 . THR A 1 52 ? -10.650 1.516   11.224  1.00 9.15  ? 52  THR A OG1 1 
ATOM   402 C CG2 . THR A 1 52 ? -8.144  1.420   10.682  1.00 8.19  ? 52  THR A CG2 1 
ATOM   403 N N   . ARG A 1 53 ? -9.043  1.910   7.065   1.00 6.92  ? 53  ARG A N   1 
ATOM   404 C CA  . ARG A 1 53 ? -8.137  1.970   5.906   1.00 8.51  ? 53  ARG A CA  1 
ATOM   405 C C   . ARG A 1 53 ? -8.249  3.308   5.192   1.00 8.66  ? 53  ARG A C   1 
ATOM   406 O O   . ARG A 1 53 ? -7.131  3.716   4.853   1.00 6.75  ? 53  ARG A O   1 
ATOM   407 C CB  . ARG A 1 53 ? -8.394  0.714   5.061   1.00 9.21  ? 53  ARG A CB  1 
ATOM   408 C CG  . ARG A 1 53 ? -7.887  -0.390  5.950   1.00 11.33 ? 53  ARG A CG  1 
ATOM   409 C CD  . ARG A 1 53 ? -7.784  -1.799  5.695   1.00 15.77 ? 53  ARG A CD  1 
ATOM   410 N NE  . ARG A 1 53 ? -8.678  -2.522  4.872   1.00 18.30 ? 53  ARG A NE  1 
ATOM   411 C CZ  . ARG A 1 53 ? -9.957  -2.391  4.588   1.00 20.56 ? 53  ARG A CZ  1 
ATOM   412 N NH1 . ARG A 1 53 ? -10.634 -1.385  5.096   1.00 23.35 ? 53  ARG A NH1 1 
ATOM   413 N NH2 . ARG A 1 53 ? -10.590 -3.234  3.776   1.00 22.71 ? 53  ARG A NH2 1 
ATOM   414 N N   . GLU A 1 54 ? -9.433  3.859   5.031   1.00 7.87  ? 54  GLU A N   1 
ATOM   415 C CA  . GLU A 1 54 ? -9.535  5.202   4.446   1.00 8.30  ? 54  GLU A CA  1 
ATOM   416 C C   . GLU A 1 54 ? -8.707  6.165   5.282   1.00 7.87  ? 54  GLU A C   1 
ATOM   417 O O   . GLU A 1 54 ? -7.969  6.934   4.676   1.00 7.89  ? 54  GLU A O   1 
ATOM   418 C CB  . GLU A 1 54 ? -11.009 5.617   4.355   1.00 10.17 ? 54  GLU A CB  1 
ATOM   419 C CG  . GLU A 1 54 ? -11.758 4.685   3.396   1.00 14.41 ? 54  GLU A CG  1 
ATOM   420 C CD  . GLU A 1 54 ? -13.204 4.975   3.095   1.00 15.63 ? 54  GLU A CD  1 
ATOM   421 O OE1 . GLU A 1 54 ? -13.771 5.977   3.484   1.00 17.36 ? 54  GLU A OE1 1 
ATOM   422 O OE2 . GLU A 1 54 ? -13.671 4.036   2.407   1.00 17.69 ? 54  GLU A OE2 1 
ATOM   423 N N   . ASN A 1 55 ? -8.834  6.118   6.606   1.00 7.37  ? 55  ASN A N   1 
ATOM   424 C CA  . ASN A 1 55 ? -8.092  7.092   7.433   1.00 6.72  ? 55  ASN A CA  1 
ATOM   425 C C   . ASN A 1 55 ? -6.574  6.853   7.361   1.00 7.00  ? 55  ASN A C   1 
ATOM   426 O O   . ASN A 1 55 ? -5.814  7.824   7.435   1.00 7.84  ? 55  ASN A O   1 
ATOM   427 C CB  . ASN A 1 55 ? -8.677  7.049   8.850   1.00 7.38  ? 55  ASN A CB  1 
ATOM   428 C CG  . ASN A 1 55 ? -10.024 7.773   8.928   1.00 7.61  ? 55  ASN A CG  1 
ATOM   429 O OD1 . ASN A 1 55 ? -10.322 8.733   8.214   1.00 7.79  ? 55  ASN A OD1 1 
ATOM   430 N ND2 . ASN A 1 55 ? -10.829 7.252   9.862   1.00 8.39  ? 55  ASN A ND2 1 
ATOM   431 N N   . ILE A 1 56 ? -6.156  5.569   7.207   1.00 5.21  ? 56  ILE A N   1 
ATOM   432 C CA  . ILE A 1 56 ? -4.723  5.319   7.084   1.00 2.94  ? 56  ILE A CA  1 
ATOM   433 C C   . ILE A 1 56 ? -4.251  5.955   5.765   1.00 2.00  ? 56  ILE A C   1 
ATOM   434 O O   . ILE A 1 56 ? -3.144  6.506   5.742   1.00 3.03  ? 56  ILE A O   1 
ATOM   435 C CB  . ILE A 1 56 ? -4.270  3.843   7.219   1.00 3.53  ? 56  ILE A CB  1 
ATOM   436 C CG1 . ILE A 1 56 ? -4.769  3.253   8.584   1.00 4.63  ? 56  ILE A CG1 1 
ATOM   437 C CG2 . ILE A 1 56 ? -2.809  3.470   7.012   1.00 5.94  ? 56  ILE A CG2 1 
ATOM   438 C CD1 . ILE A 1 56 ? -4.815  1.700   8.537   1.00 4.28  ? 56  ILE A CD1 1 
ATOM   439 N N   . MET A 1 57 ? -5.006  5.831   4.690   1.00 4.74  ? 57  MET A N   1 
ATOM   440 C CA  . MET A 1 57 ? -4.665  6.432   3.388   1.00 8.10  ? 57  MET A CA  1 
ATOM   441 C C   . MET A 1 57 ? -4.540  7.956   3.584   1.00 7.88  ? 57  MET A C   1 
ATOM   442 O O   . MET A 1 57 ? -3.523  8.505   3.142   1.00 8.94  ? 57  MET A O   1 
ATOM   443 C CB  . MET A 1 57 ? -5.543  5.885   2.302   1.00 11.97 ? 57  MET A CB  1 
ATOM   444 C CG  . MET A 1 57 ? -5.398  6.394   0.896   1.00 15.31 ? 57  MET A CG  1 
ATOM   445 S SD  . MET A 1 57 ? -3.816  5.608   0.339   1.00 17.79 ? 57  MET A SD  1 
ATOM   446 C CE  . MET A 1 57 ? -3.355  6.852   -0.889  1.00 17.99 ? 57  MET A CE  1 
ATOM   447 N N   . LYS A 1 58 ? -5.545  8.531   4.192   1.00 8.37  ? 58  LYS A N   1 
ATOM   448 C CA  . LYS A 1 58 ? -5.520  9.994   4.448   1.00 7.57  ? 58  LYS A CA  1 
ATOM   449 C C   . LYS A 1 58 ? -4.304  10.414  5.254   1.00 7.21  ? 58  LYS A C   1 
ATOM   450 O O   . LYS A 1 58 ? -3.606  11.466  5.036   1.00 4.72  ? 58  LYS A O   1 
ATOM   451 C CB  . LYS A 1 58 ? -6.852  10.501  5.017   1.00 9.41  ? 58  LYS A CB  1 
ATOM   452 C CG  . LYS A 1 58 ? -8.059  10.166  4.123   1.00 10.27 ? 58  LYS A CG  1 
ATOM   453 C CD  . LYS A 1 58 ? -9.401  10.515  4.704   1.00 9.78  ? 58  LYS A CD  1 
ATOM   454 C CE  . LYS A 1 58 ? -10.455 10.843  3.694   1.00 13.96 ? 58  LYS A CE  1 
ATOM   455 N NZ  . LYS A 1 58 ? -11.816 10.923  4.273   1.00 14.35 ? 58  LYS A NZ  1 
ATOM   456 N N   . LEU A 1 59 ? -3.943  9.585   6.222   1.00 5.86  ? 59  LEU A N   1 
ATOM   457 C CA  . LEU A 1 59 ? -2.786  9.796   7.088   1.00 6.18  ? 59  LEU A CA  1 
ATOM   458 C C   . LEU A 1 59 ? -1.526  9.770   6.217   1.00 7.50  ? 59  LEU A C   1 
ATOM   459 O O   . LEU A 1 59 ? -0.651  10.650  6.359   1.00 7.28  ? 59  LEU A O   1 
ATOM   460 C CB  . LEU A 1 59 ? -2.735  8.726   8.163   1.00 4.10  ? 59  LEU A CB  1 
ATOM   461 C CG  . LEU A 1 59 ? -1.440  8.587   8.962   1.00 6.03  ? 59  LEU A CG  1 
ATOM   462 C CD1 . LEU A 1 59 ? -1.018  9.890   9.645   1.00 7.78  ? 59  LEU A CD1 1 
ATOM   463 C CD2 . LEU A 1 59 ? -1.617  7.446   9.947   1.00 6.40  ? 59  LEU A CD2 1 
ATOM   464 N N   . THR A 1 60 ? -1.492  8.794   5.312   1.00 7.50  ? 60  THR A N   1 
ATOM   465 C CA  . THR A 1 60 ? -0.336  8.592   4.444   1.00 7.67  ? 60  THR A CA  1 
ATOM   466 C C   . THR A 1 60 ? -0.170  9.835   3.567   1.00 9.13  ? 60  THR A C   1 
ATOM   467 O O   . THR A 1 60 ? 1.000   10.238  3.466   1.00 7.97  ? 60  THR A O   1 
ATOM   468 C CB  . THR A 1 60 ? -0.422  7.236   3.647   1.00 8.15  ? 60  THR A CB  1 
ATOM   469 O OG1 . THR A 1 60 ? -0.574  6.140   4.602   1.00 9.61  ? 60  THR A OG1 1 
ATOM   470 C CG2 . THR A 1 60 ? 0.886   7.039   2.861   1.00 8.37  ? 60  THR A CG2 1 
ATOM   471 N N   . GLU A 1 61 ? -1.305  10.299  3.061   1.00 9.61  ? 61  GLU A N   1 
ATOM   472 C CA  . GLU A 1 61 ? -1.141  11.503  2.194   1.00 11.36 ? 61  GLU A CA  1 
ATOM   473 C C   . GLU A 1 61 ? -0.644  12.671  3.011   1.00 11.20 ? 61  GLU A C   1 
ATOM   474 O O   . GLU A 1 61 ? 0.109   13.539  2.461   1.00 9.58  ? 61  GLU A O   1 
ATOM   475 C CB  . GLU A 1 61 ? -2.337  11.729  1.290   1.00 13.04 ? 61  GLU A CB  1 
ATOM   476 C CG  . GLU A 1 61 ? -3.634  11.182  1.814   1.00 15.74 ? 61  GLU A CG  1 
ATOM   477 C CD  . GLU A 1 61 ? -4.551  10.596  0.775   1.00 17.43 ? 61  GLU A CD  1 
ATOM   478 O OE1 . GLU A 1 61 ? -5.632  10.068  1.053   1.00 19.69 ? 61  GLU A OE1 1 
ATOM   479 O OE2 . GLU A 1 61 ? -4.160  10.592  -0.492  1.00 17.84 ? 61  GLU A OE2 1 
ATOM   480 N N   . LYS A 1 62 ? -1.023  12.737  4.293   1.00 11.57 ? 62  LYS A N   1 
ATOM   481 C CA  . LYS A 1 62 ? -0.675  13.939  5.072   1.00 10.84 ? 62  LYS A CA  1 
ATOM   482 C C   . LYS A 1 62 ? 0.837   13.906  5.295   1.00 12.10 ? 62  LYS A C   1 
ATOM   483 O O   . LYS A 1 62 ? 1.456   14.991  5.365   1.00 11.37 ? 62  LYS A O   1 
ATOM   484 C CB  . LYS A 1 62 ? -1.378  14.042  6.400   1.00 11.55 ? 62  LYS A CB  1 
ATOM   485 C CG  . LYS A 1 62 ? -1.042  15.272  7.248   1.00 12.60 ? 62  LYS A CG  1 
ATOM   486 C CD  . LYS A 1 62 ? -1.908  15.403  8.507   1.00 14.54 ? 62  LYS A CD  1 
ATOM   487 C CE  . LYS A 1 62 ? -1.541  16.726  9.191   1.00 15.22 ? 62  LYS A CE  1 
ATOM   488 N NZ  . LYS A 1 62 ? -2.811  17.410  9.605   1.00 18.78 ? 62  LYS A NZ  1 
ATOM   489 N N   . ILE A 1 63 ? 1.379   12.708  5.431   1.00 8.72  ? 63  ILE A N   1 
ATOM   490 C CA  . ILE A 1 63 ? 2.817   12.557  5.632   1.00 10.87 ? 63  ILE A CA  1 
ATOM   491 C C   . ILE A 1 63 ? 3.570   12.958  4.365   1.00 10.55 ? 63  ILE A C   1 
ATOM   492 O O   . ILE A 1 63 ? 4.550   13.718  4.555   1.00 9.87  ? 63  ILE A O   1 
ATOM   493 C CB  . ILE A 1 63 ? 3.240   11.100  6.002   1.00 8.61  ? 63  ILE A CB  1 
ATOM   494 C CG1 . ILE A 1 63 ? 2.581   10.790  7.355   1.00 9.45  ? 63  ILE A CG1 1 
ATOM   495 C CG2 . ILE A 1 63 ? 4.790   10.851  6.017   1.00 9.12  ? 63  ILE A CG2 1 
ATOM   496 C CD1 . ILE A 1 63 ? 2.547   9.357   7.920   1.00 10.10 ? 63  ILE A CD1 1 
ATOM   497 N N   . VAL A 1 64 ? 3.110   12.387  3.255   1.00 13.16 ? 64  VAL A N   1 
ATOM   498 C CA  . VAL A 1 64 ? 3.896   12.600  2.013   1.00 13.83 ? 64  VAL A CA  1 
ATOM   499 C C   . VAL A 1 64 ? 3.819   14.030  1.521   1.00 14.51 ? 64  VAL A C   1 
ATOM   500 O O   . VAL A 1 64 ? 4.718   14.390  0.730   1.00 16.87 ? 64  VAL A O   1 
ATOM   501 C CB  . VAL A 1 64 ? 3.663   11.481  1.000   1.00 12.18 ? 64  VAL A CB  1 
ATOM   502 C CG1 . VAL A 1 64 ? 4.061   10.107  1.569   1.00 12.71 ? 64  VAL A CG1 1 
ATOM   503 C CG2 . VAL A 1 64 ? 2.294   11.360  0.358   1.00 9.53  ? 64  VAL A CG2 1 
ATOM   504 N N   . LYS A 1 65 ? 2.893   14.823  2.020   1.00 15.67 ? 65  LYS A N   1 
ATOM   505 C CA  . LYS A 1 65 ? 2.665   16.192  1.522   1.00 16.88 ? 65  LYS A CA  1 
ATOM   506 C C   . LYS A 1 65 ? 2.998   17.266  2.543   1.00 16.51 ? 65  LYS A C   1 
ATOM   507 O O   . LYS A 1 65 ? 2.791   18.462  2.305   1.00 15.58 ? 65  LYS A O   1 
ATOM   508 C CB  . LYS A 1 65 ? 1.180   16.353  1.137   1.00 18.51 ? 65  LYS A CB  1 
ATOM   509 C CG  . LYS A 1 65 ? 0.882   15.593  -0.178  1.00 20.62 ? 65  LYS A CG  1 
ATOM   510 C CD  . LYS A 1 65 ? -0.585  15.677  -0.580  1.00 21.67 ? 65  LYS A CD  1 
ATOM   511 C CE  . LYS A 1 65 ? -1.001  14.296  -1.066  1.00 22.96 ? 65  LYS A CE  1 
ATOM   512 N NZ  . LYS A 1 65 ? -2.473  14.078  -0.969  1.00 22.70 ? 65  LYS A NZ  1 
ATOM   513 N N   . SER A 1 66 ? 3.443   16.825  3.709   1.00 14.59 ? 66  SER A N   1 
ATOM   514 C CA  . SER A 1 66 ? 4.105   17.616  4.730   1.00 13.41 ? 66  SER A CA  1 
ATOM   515 C C   . SER A 1 66 ? 5.289   18.448  4.205   1.00 13.25 ? 66  SER A C   1 
ATOM   516 O O   . SER A 1 66 ? 6.065   17.997  3.337   1.00 14.50 ? 66  SER A O   1 
ATOM   517 C CB  . SER A 1 66 ? 4.802   16.662  5.718   1.00 12.98 ? 66  SER A CB  1 
ATOM   518 O OG  . SER A 1 66 ? 5.070   17.273  6.964   1.00 14.16 ? 66  SER A OG  1 
ATOM   519 N N   . PRO A 1 67 ? 5.412   19.598  4.846   1.00 10.98 ? 67  PRO A N   1 
ATOM   520 C CA  . PRO A 1 67 ? 6.621   20.442  4.669   1.00 12.38 ? 67  PRO A CA  1 
ATOM   521 C C   . PRO A 1 67 ? 7.863   19.631  4.989   1.00 12.02 ? 67  PRO A C   1 
ATOM   522 O O   . PRO A 1 67 ? 8.908   19.796  4.375   1.00 10.48 ? 67  PRO A O   1 
ATOM   523 C CB  . PRO A 1 67 ? 6.433   21.605  5.637   1.00 12.14 ? 67  PRO A CB  1 
ATOM   524 C CG  . PRO A 1 67 ? 4.937   21.735  5.702   1.00 12.03 ? 67  PRO A CG  1 
ATOM   525 C CD  . PRO A 1 67 ? 4.412   20.284  5.659   1.00 11.78 ? 67  PRO A CD  1 
ATOM   526 N N   . LEU A 1 68 ? 7.694   18.711  5.942   1.00 13.47 ? 68  LEU A N   1 
ATOM   527 C CA  . LEU A 1 68 ? 8.784   17.802  6.327   1.00 12.44 ? 68  LEU A CA  1 
ATOM   528 C C   . LEU A 1 68 ? 9.230   16.814  5.271   1.00 13.89 ? 68  LEU A C   1 
ATOM   529 O O   . LEU A 1 68 ? 10.359  16.270  5.367   1.00 15.78 ? 68  LEU A O   1 
ATOM   530 C CB  . LEU A 1 68 ? 8.294   17.247  7.676   1.00 13.40 ? 68  LEU A CB  1 
ATOM   531 C CG  . LEU A 1 68 ? 7.903   18.305  8.707   1.00 13.61 ? 68  LEU A CG  1 
ATOM   532 C CD1 . LEU A 1 68 ? 7.387   17.546  9.940   1.00 15.01 ? 68  LEU A CD1 1 
ATOM   533 C CD2 . LEU A 1 68 ? 9.073   19.207  9.051   1.00 12.80 ? 68  LEU A CD2 1 
ATOM   534 N N   . CYS A 1 69 ? 8.451   16.498  4.263   1.00 13.56 ? 69  CYS A N   1 
ATOM   535 C CA  . CYS A 1 69 ? 8.786   15.632  3.147   1.00 17.18 ? 69  CYS A CA  1 
ATOM   536 C C   . CYS A 1 69 ? 9.018   16.405  1.851   1.00 20.15 ? 69  CYS A C   1 
ATOM   537 O O   . CYS A 1 69 ? 9.205   15.719  0.819   1.00 21.35 ? 69  CYS A O   1 
ATOM   538 C CB  . CYS A 1 69 ? 7.820   14.461  2.973   1.00 18.08 ? 69  CYS A CB  1 
ATOM   539 S SG  . CYS A 1 69 ? 7.999   13.279  4.365   1.00 16.96 ? 69  CYS A SG  1 
ATOM   540 N N   . MET A 1 70 ? 9.045   17.732  1.952   1.00 22.22 ? 70  MET A N   1 
ATOM   541 C CA  . MET A 1 70 ? 9.265   18.535  0.731   1.00 24.99 ? 70  MET A CA  1 
ATOM   542 C C   . MET A 1 70 ? 10.645  18.270  0.131   1.00 25.90 ? 70  MET A C   1 
ATOM   543 O O   . MET A 1 70 ? 10.980  19.038  -0.817  1.00 26.94 ? 70  MET A O   1 
ATOM   544 C CB  . MET A 1 70 ? 8.819   19.974  0.867   1.00 25.21 ? 70  MET A CB  1 
ATOM   545 C CG  . MET A 1 70 ? 7.351   20.027  1.224   1.00 27.08 ? 70  MET A CG  1 
ATOM   546 S SD  . MET A 1 70 ? 6.685   21.708  0.905   1.00 27.90 ? 70  MET A SD  1 
ATOM   547 C CE  . MET A 1 70 ? 4.968   21.475  1.389   1.00 27.32 ? 70  MET A CE  1 
ATOM   548 O OXT . MET A 1 70 ? 11.363  17.333  0.503   1.00 25.44 ? 70  MET A OXT 1 
HETATM 549 O O   . HOH B 2 .  ? 12.482  -16.003 -2.616  0.77 7.53  ? 71  HOH A O   1 
HETATM 550 O O   . HOH B 2 .  ? 2.011   -20.451 0.354   0.73 8.00  ? 72  HOH A O   1 
HETATM 551 O O   . HOH B 2 .  ? 7.932   -14.820 3.049   0.84 11.00 ? 73  HOH A O   1 
HETATM 552 O O   . HOH B 2 .  ? -8.566  -10.565 -5.003  0.85 12.00 ? 74  HOH A O   1 
HETATM 553 O O   . HOH B 2 .  ? -6.688  -6.596  -10.314 0.74 11.20 ? 75  HOH A O   1 
HETATM 554 O O   . HOH B 2 .  ? -9.680  1.139   -4.899  0.92 17.50 ? 76  HOH A O   1 
HETATM 555 O O   . HOH B 2 .  ? 8.775   -7.355  -17.484 0.99 23.00 ? 77  HOH A O   1 
HETATM 556 O O   . HOH B 2 .  ? -3.364  -0.007  -12.578 0.81 16.00 ? 78  HOH A O   1 
HETATM 557 O O   . HOH B 2 .  ? 12.921  -2.499  -9.679  0.74 13.50 ? 79  HOH A O   1 
HETATM 558 O O   . HOH B 2 .  ? 6.786   -4.840  -17.225 1.00 24.76 ? 80  HOH A O   1 
HETATM 559 O O   . HOH B 2 .  ? 20.081  -4.802  -7.624  1.00 25.11 ? 81  HOH A O   1 
HETATM 560 O O   . HOH B 2 .  ? -10.170 -11.176 -8.666  0.66 11.10 ? 82  HOH A O   1 
HETATM 561 O O   . HOH B 2 .  ? 4.339   -1.254  2.082   1.00 25.95 ? 83  HOH A O   1 
HETATM 562 O O   . HOH B 2 .  ? -1.487  -2.407  -12.000 0.78 16.00 ? 84  HOH A O   1 
HETATM 563 O O   . HOH B 2 .  ? -0.789  -10.118 -12.730 0.99 26.50 ? 85  HOH A O   1 
HETATM 564 O O   . HOH B 2 .  ? 4.800   -0.318  4.196   1.00 27.99 ? 86  HOH A O   1 
HETATM 565 O O   . HOH B 2 .  ? 9.059   7.388   -2.106  0.62 11.07 ? 87  HOH A O   1 
HETATM 566 O O   . HOH B 2 .  ? 10.001  -18.335 -1.468  1.00 29.70 ? 88  HOH A O   1 
HETATM 567 O O   . HOH B 2 .  ? -13.195 1.939   -4.999  1.00 30.00 ? 89  HOH A O   1 
HETATM 568 O O   . HOH B 2 .  ? 9.671   -18.294 1.987   1.00 30.00 ? 90  HOH A O   1 
HETATM 569 O O   . HOH B 2 .  ? 7.516   -3.566  -15.451 1.00 30.00 ? 91  HOH A O   1 
HETATM 570 O O   . HOH B 2 .  ? -1.765  0.436   -9.499  0.82 20.00 ? 92  HOH A O   1 
HETATM 571 O O   . HOH B 2 .  ? 19.139  -2.983  -6.269  1.00 30.53 ? 93  HOH A O   1 
HETATM 572 O O   . HOH B 2 .  ? 2.620   -18.435 -2.186  0.99 30.00 ? 94  HOH A O   1 
HETATM 573 O O   . HOH B 2 .  ? 2.433   -16.126 -0.990  0.93 27.00 ? 95  HOH A O   1 
HETATM 574 O O   . HOH B 2 .  ? 3.472   4.407   -13.436 0.98 30.40 ? 96  HOH A O   1 
HETATM 575 O O   . HOH B 2 .  ? 6.127   -2.515  1.517   1.00 32.00 ? 97  HOH A O   1 
HETATM 576 O O   . HOH B 2 .  ? 5.370   6.344   -15.025 1.00 32.02 ? 98  HOH A O   1 
HETATM 577 O O   . HOH B 2 .  ? 0.780   17.427  4.692   0.67 14.50 ? 99  HOH A O   1 
HETATM 578 O O   . HOH B 2 .  ? 15.703  -7.144  -9.542  0.75 18.00 ? 100 HOH A O   1 
HETATM 579 O O   . HOH B 2 .  ? 18.640  -7.714  -5.981  1.00 32.56 ? 101 HOH A O   1 
HETATM 580 O O   . HOH B 2 .  ? -10.580 -9.625  -6.599  1.00 33.11 ? 102 HOH A O   1 
HETATM 581 O O   . HOH B 2 .  ? 2.603   1.198   -13.133 0.93 30.00 ? 103 HOH A O   1 
HETATM 582 O O   . HOH B 2 .  ? 0.019   3.018   -14.159 1.00 35.00 ? 104 HOH A O   1 
HETATM 583 O O   . HOH B 2 .  ? 10.223  -5.895  -14.675 1.00 35.00 ? 105 HOH A O   1 
HETATM 584 O O   . HOH B 2 .  ? -6.753  -18.079 -15.472 1.00 35.32 ? 106 HOH A O   1 
HETATM 585 O O   . HOH B 2 .  ? 7.268   -10.216 -14.169 1.00 35.50 ? 107 HOH A O   1 
HETATM 586 O O   . HOH B 2 .  ? -7.587  -10.259 2.173   0.67 16.10 ? 108 HOH A O   1 
HETATM 587 O O   . HOH B 2 .  ? 17.728  -2.642  -3.484  0.79 23.00 ? 109 HOH A O   1 
HETATM 588 O O   . HOH B 2 .  ? -2.870  -2.512  -9.087  0.80 24.00 ? 110 HOH A O   1 
HETATM 589 O O   . HOH B 2 .  ? 17.702  -2.913  -8.364  0.93 33.00 ? 111 HOH A O   1 
HETATM 590 O O   . HOH B 2 .  ? 6.431   -19.686 5.757   0.92 33.00 ? 112 HOH A O   1 
HETATM 591 O O   . HOH B 2 .  ? -5.725  -13.480 -8.438  0.78 24.00 ? 113 HOH A O   1 
HETATM 592 O O   . HOH B 2 .  ? -12.119 0.300   -1.565  0.92 33.00 ? 114 HOH A O   1 
HETATM 593 O O   . HOH B 2 .  ? 17.271  -10.560 -8.020  0.80 26.00 ? 115 HOH A O   1 
HETATM 594 O O   . HOH B 2 .  ? -8.532  8.041   0.608   0.72 21.00 ? 116 HOH A O   1 
HETATM 595 O O   . HOH B 2 .  ? 8.830   -23.778 -1.671  0.98 40.00 ? 117 HOH A O   1 
HETATM 596 O O   . HOH B 2 .  ? -11.086 -9.327  -0.265  1.00 42.30 ? 118 HOH A O   1 
HETATM 597 O O   . HOH B 2 .  ? 8.237   -12.844 -7.421  0.80 27.00 ? 119 HOH A O   1 
HETATM 598 O O   . HOH B 2 .  ? -11.042 -2.810  -2.726  0.55 13.00 ? 120 HOH A O   1 
HETATM 599 O O   . HOH B 2 .  ? 6.321   7.006   -12.230 0.70 21.50 ? 121 HOH A O   1 
HETATM 600 O O   . HOH B 2 .  ? -16.230 0.213   7.631   0.36 5.80  ? 122 HOH A O   1 
HETATM 601 O O   . HOH B 2 .  ? 18.360  -1.680  -1.423  0.63 17.50 ? 123 HOH A O   1 
HETATM 602 O O   . HOH B 2 .  ? 6.605   -21.097 3.332   1.00 45.01 ? 124 HOH A O   1 
HETATM 603 O O   . HOH B 2 .  ? 17.787  -6.028  -9.634  1.00 45.93 ? 125 HOH A O   1 
HETATM 604 O O   . HOH B 2 .  ? 8.167   -23.537 2.596   1.00 48.08 ? 126 HOH A O   1 
HETATM 605 O O   . HOH B 2 .  ? 9.105   -27.355 -2.805  0.64 20.00 ? 127 HOH A O   1 
HETATM 606 O O   . HOH B 2 .  ? 2.114   0.448   -15.445 0.63 20.00 ? 128 HOH A O   1 
HETATM 607 O O   . HOH B 2 .  ? 2.832   1.070   3.923   0.86 40.00 ? 129 HOH A O   1 
HETATM 608 O O   . HOH B 2 .  ? 4.444   -3.596  0.461   0.81 36.00 ? 130 HOH A O   1 
HETATM 609 O O   . HOH B 2 .  ? -8.195  -12.900 -9.694  0.65 23.00 ? 131 HOH A O   1 
HETATM 610 O O   . HOH B 2 .  ? 6.450   -11.894 -9.717  0.51 15.00 ? 132 HOH A O   1 
HETATM 611 O O   . HOH B 2 .  ? 1.384   -10.060 -11.216 0.55 18.00 ? 133 HOH A O   1 
HETATM 612 O O   . HOH B 2 .  ? -11.196 -6.436  2.353   0.80 39.00 ? 134 HOH A O   1 
HETATM 613 O O   . HOH B 2 .  ? 15.108  -3.416  -8.257  0.64 24.50 ? 135 HOH A O   1 
HETATM 614 O O   . HOH B 2 .  ? 0.046   9.952   -5.770  0.76 35.50 ? 136 HOH A O   1 
HETATM 615 O O   . HOH B 2 .  ? -9.830  -4.481  1.173   0.73 34.00 ? 137 HOH A O   1 
HETATM 616 O O   . HOH B 2 .  ? 20.216  -6.632  -9.301  0.53 19.01 ? 138 HOH A O   1 
HETATM 617 O O   . HOH B 2 .  ? 8.623   -14.222 5.135   0.66 30.00 ? 139 HOH A O   1 
HETATM 618 O O   . HOH B 2 .  ? 1.547   0.467   5.714   0.85 50.00 ? 140 HOH A O   1 
HETATM 619 O O   . HOH B 2 .  ? 17.259  -5.840  -5.575  0.60 28.00 ? 141 HOH A O   1 
HETATM 620 O O   . HOH B 2 .  ? 1.861   0.591   1.975   0.63 31.00 ? 142 HOH A O   1 
HETATM 621 O O   . HOH B 2 .  ? 3.678   -18.611 7.251   0.52 25.00 ? 143 HOH A O   1 
HETATM 622 O O   . HOH B 2 .  ? 3.825   -19.937 -9.360  0.52 30.00 ? 144 HOH A O   1 
HETATM 623 O O   . HOH B 2 .  ? -6.058  1.223   -4.664  0.44 22.00 ? 145 HOH A O   1 
HETATM 624 O O   . HOH B 2 .  ? -8.310  9.528   -2.922  0.41 19.50 ? 146 HOH A O   1 
HETATM 625 O O   . HOH B 2 .  ? 20.137  -0.973  -3.181  0.39 18.00 ? 147 HOH A O   1 
HETATM 626 O O   . HOH B 2 .  ? 1.836   -1.627  -11.484 0.63 47.00 ? 148 HOH A O   1 
HETATM 627 O O   . HOH B 2 .  ? -6.310  -15.132 -6.114  0.44 26.00 ? 149 HOH A O   1 
HETATM 628 O O   . HOH B 2 .  ? 3.124   -1.989  -14.666 0.44 33.00 ? 150 HOH A O   1 
HETATM 629 O O   . HOH B 2 .  ? -12.044 -7.003  5.018   0.28 15.00 ? 151 HOH A O   1 
HETATM 630 O O   . HOH B 2 .  ? -11.891 9.090   1.213   0.41 38.00 ? 152 HOH A O   1 
HETATM 631 O O   . HOH B 2 .  ? -7.350  -3.155  2.035   0.24 35.00 ? 153 HOH A O   1 
# 
